data_1DHK
#
_entry.id   1DHK
#
_cell.length_a   151.600
_cell.length_b   79.400
_cell.length_c   68.000
_cell.angle_alpha   90.00
_cell.angle_beta   91.54
_cell.angle_gamma   90.00
#
_symmetry.space_group_name_H-M   'C 1 2 1'
#
loop_
_entity.id
_entity.type
_entity.pdbx_description
1 polymer 'PORCINE PANCREATIC ALPHA-AMYLASE'
2 polymer 'BEAN LECTIN-LIKE INHIBITOR'
3 branched 2-acetamido-2-deoxy-beta-D-glucopyranose-(1-4)-2-acetamido-2-deoxy-beta-D-glucopyranose
4 non-polymer 'CALCIUM ION'
5 non-polymer 'CHLORIDE ION'
6 non-polymer 2-acetamido-2-deoxy-beta-D-glucopyranose
7 water water
#
loop_
_entity_poly.entity_id
_entity_poly.type
_entity_poly.pdbx_seq_one_letter_code
_entity_poly.pdbx_strand_id
1 'polypeptide(L)'
;(PCA)YAPQTQSGRTSIVHLFEWRWVDIALECERYLGPKGFGGVQVSPPNENVVVTNPSRPWWERYQPVSYKLCTRSGNE
NEFRDMVTRCNNVGVRIYVDAVINHMCGSGAAAGTGTTCGSYCNPGSREFPAVPYSAWDFNDGKCKTASGGIESYNDPYQ
VRDCQLVGLLDLALEKDYVRSMIADYLNKLIDIGVAGFRIDASKHMWPGDIKAVLDKLHNLNTNWFPAGSRPFIFQEVID
LGGEAIQSSEYFGNGRVTEFKYGAKLGTVVRKWSGEKMSYLKNWGEGWGFMPSDRALVFVDNHDNQRGHGAGGASILTFW
DARLYKVAVGFMLAHPYGFTRVMSSYRWARNFVNGEDVNDWIGPPNNNGVIKEVTINADTTCGNDWVCEHRWREIRNMVW
FRNVVDGQPFANWWDNGSNQVAFGRGNRGFIVFNNDDWQLSSTLQTGLPGGTYCDVISGDKVGNSCTGIKVYVSSDGTAQ
FSISNSAEDPFIAIHAESKL
;
A
2 'polypeptide(L)'
;ATETSFIIDAFNKTNLILQGDATVSSNGNLQLSYNSYDSMSRAFYSAPIQIRDSTTGNVASFDTNFTMNIRTHRQANSAV
GLDFVLVPVQPESKGDTVTVEFDTFLSRISIDVNNNDIKSVPWDVHDYDGQNAEVRITYNSSTKVFSVSLSNPSTGKSNN
VSTTVELEKEVYDWVSVGFSATSGAYQWSYETHDVLSWSFSSKFINLKDQKSERSNIVLNKIL
;
B
#
loop_
_chem_comp.id
_chem_comp.type
_chem_comp.name
_chem_comp.formula
CA non-polymer 'CALCIUM ION' 'Ca 2'
CL non-polymer 'CHLORIDE ION' 'Cl -1'
NAG D-saccharide, beta linking 2-acetamido-2-deoxy-beta-D-glucopyranose 'C8 H15 N O6'
#
# COMPACT_ATOMS: atom_id res chain seq x y z
N PCA A 1 4.76 -20.75 -7.50
CA PCA A 1 4.63 -19.31 -7.40
CB PCA A 1 3.41 -19.13 -8.22
CG PCA A 1 3.80 -20.21 -9.27
CD PCA A 1 4.35 -21.48 -8.53
OE PCA A 1 4.26 -22.61 -9.04
C PCA A 1 4.36 -18.73 -6.02
O PCA A 1 4.61 -17.55 -5.77
N TYR A 2 3.82 -19.58 -5.15
CA TYR A 2 3.44 -19.19 -3.81
C TYR A 2 4.52 -19.47 -2.78
N ALA A 3 5.38 -20.45 -3.07
CA ALA A 3 6.47 -20.81 -2.16
C ALA A 3 7.58 -19.78 -2.30
N PRO A 4 8.01 -19.19 -1.18
CA PRO A 4 9.08 -18.18 -1.17
C PRO A 4 10.45 -18.64 -1.62
N GLN A 5 10.70 -19.94 -1.57
CA GLN A 5 11.98 -20.51 -1.97
C GLN A 5 13.12 -20.08 -1.04
N THR A 6 12.77 -19.78 0.20
CA THR A 6 13.76 -19.40 1.19
C THR A 6 14.44 -20.69 1.64
N GLN A 7 15.59 -20.56 2.31
CA GLN A 7 16.30 -21.71 2.82
C GLN A 7 15.44 -22.29 3.94
N SER A 8 15.38 -23.61 4.01
CA SER A 8 14.92 -24.29 5.23
C SER A 8 14.60 -23.63 6.39
N GLY A 9 13.42 -23.25 6.85
CA GLY A 9 13.31 -22.62 8.16
C GLY A 9 13.26 -21.11 8.22
N ARG A 10 13.52 -20.42 7.12
CA ARG A 10 13.48 -18.96 7.14
C ARG A 10 12.11 -18.52 6.70
N THR A 11 11.47 -17.66 7.48
CA THR A 11 10.10 -17.25 7.24
C THR A 11 9.76 -15.79 6.90
N SER A 12 10.74 -14.91 6.79
CA SER A 12 10.45 -13.51 6.47
C SER A 12 11.43 -12.93 5.47
N ILE A 13 11.01 -11.87 4.81
CA ILE A 13 11.89 -11.15 3.90
C ILE A 13 11.86 -9.71 4.40
N VAL A 14 12.92 -8.97 4.14
CA VAL A 14 13.01 -7.58 4.57
C VAL A 14 13.22 -6.70 3.33
N HIS A 15 12.59 -5.53 3.31
CA HIS A 15 12.72 -4.63 2.18
C HIS A 15 13.84 -3.64 2.49
N LEU A 16 15.03 -3.85 1.93
CA LEU A 16 16.13 -2.91 2.15
C LEU A 16 15.97 -1.83 1.08
N PHE A 17 15.00 -0.96 1.35
CA PHE A 17 14.59 0.15 0.49
C PHE A 17 15.70 1.14 0.15
N GLU A 18 16.02 1.21 -1.14
CA GLU A 18 17.05 2.13 -1.67
C GLU A 18 18.49 1.85 -1.26
N TRP A 19 18.76 0.65 -0.75
CA TRP A 19 20.12 0.28 -0.34
C TRP A 19 20.98 0.00 -1.57
N ARG A 20 22.28 0.19 -1.46
CA ARG A 20 23.20 -0.08 -2.55
C ARG A 20 23.49 -1.57 -2.51
N TRP A 21 23.81 -2.14 -3.67
CA TRP A 21 24.09 -3.58 -3.76
C TRP A 21 25.26 -4.01 -2.87
N VAL A 22 26.29 -3.18 -2.78
CA VAL A 22 27.44 -3.52 -1.95
C VAL A 22 27.08 -3.59 -0.47
N ASP A 23 26.19 -2.73 -0.02
CA ASP A 23 25.78 -2.72 1.38
C ASP A 23 24.89 -3.92 1.70
N ILE A 24 24.04 -4.31 0.76
CA ILE A 24 23.17 -5.46 0.96
C ILE A 24 24.03 -6.72 1.04
N ALA A 25 25.02 -6.81 0.16
CA ALA A 25 25.94 -7.95 0.14
C ALA A 25 26.60 -8.13 1.51
N LEU A 26 27.09 -7.03 2.07
CA LEU A 26 27.73 -7.05 3.39
C LEU A 26 26.72 -7.38 4.48
N GLU A 27 25.52 -6.81 4.39
CA GLU A 27 24.49 -7.07 5.39
C GLU A 27 24.10 -8.54 5.42
N CYS A 28 24.08 -9.17 4.26
CA CYS A 28 23.74 -10.58 4.16
C CYS A 28 24.71 -11.43 4.97
N GLU A 29 25.99 -11.17 4.80
CA GLU A 29 27.02 -11.93 5.47
C GLU A 29 27.17 -11.63 6.96
N ARG A 30 27.15 -10.36 7.32
CA ARG A 30 27.33 -9.98 8.71
C ARG A 30 26.09 -9.99 9.60
N TYR A 31 24.90 -10.09 9.01
CA TYR A 31 23.70 -10.02 9.82
C TYR A 31 22.52 -10.87 9.38
N LEU A 32 22.00 -10.62 8.19
CA LEU A 32 20.83 -11.35 7.69
C LEU A 32 20.99 -12.86 7.68
N GLY A 33 22.16 -13.34 7.28
CA GLY A 33 22.40 -14.77 7.25
C GLY A 33 22.36 -15.33 8.66
N PRO A 34 23.24 -14.86 9.55
CA PRO A 34 23.31 -15.31 10.95
C PRO A 34 22.01 -15.16 11.73
N LYS A 35 21.29 -14.07 11.48
CA LYS A 35 20.04 -13.79 12.18
C LYS A 35 18.80 -14.49 11.64
N GLY A 36 18.98 -15.39 10.69
CA GLY A 36 17.85 -16.12 10.14
C GLY A 36 16.86 -15.43 9.22
N PHE A 37 17.26 -14.36 8.55
CA PHE A 37 16.35 -13.68 7.64
C PHE A 37 16.26 -14.49 6.34
N GLY A 38 15.05 -14.64 5.82
CA GLY A 38 14.86 -15.41 4.61
C GLY A 38 15.25 -14.76 3.30
N GLY A 39 15.10 -13.46 3.18
CA GLY A 39 15.45 -12.81 1.94
C GLY A 39 15.38 -11.32 2.00
N VAL A 40 15.68 -10.68 0.87
CA VAL A 40 15.68 -9.24 0.77
C VAL A 40 14.94 -8.81 -0.48
N GLN A 41 14.08 -7.81 -0.35
CA GLN A 41 13.39 -7.26 -1.50
C GLN A 41 14.25 -6.05 -1.83
N VAL A 42 14.73 -5.97 -3.06
CA VAL A 42 15.58 -4.86 -3.48
C VAL A 42 14.81 -3.86 -4.34
N SER A 43 15.29 -2.63 -4.37
CA SER A 43 14.68 -1.60 -5.20
C SER A 43 14.90 -2.01 -6.67
N PRO A 44 14.14 -1.45 -7.62
CA PRO A 44 14.30 -1.80 -9.04
C PRO A 44 15.77 -1.69 -9.51
N PRO A 45 16.34 -2.79 -10.01
CA PRO A 45 17.74 -2.81 -10.46
C PRO A 45 18.00 -2.33 -11.90
N ASN A 46 16.93 -2.05 -12.65
CA ASN A 46 17.06 -1.61 -14.03
C ASN A 46 17.13 -0.10 -14.16
N GLU A 47 17.74 0.35 -15.24
CA GLU A 47 17.93 1.77 -15.53
C GLU A 47 16.65 2.60 -15.53
N ASN A 48 16.73 3.75 -14.87
CA ASN A 48 15.59 4.66 -14.76
C ASN A 48 15.94 6.09 -15.16
N VAL A 49 14.91 6.89 -15.39
CA VAL A 49 15.08 8.29 -15.75
C VAL A 49 15.54 9.08 -14.51
N VAL A 50 16.36 10.11 -14.74
CA VAL A 50 16.85 10.97 -13.66
C VAL A 50 15.90 12.15 -13.49
N VAL A 51 15.41 12.35 -12.27
CA VAL A 51 14.52 13.47 -11.98
C VAL A 51 15.33 14.43 -11.12
N THR A 52 15.48 15.66 -11.59
CA THR A 52 16.25 16.67 -10.86
C THR A 52 15.40 17.69 -10.11
N ASN A 53 14.10 17.68 -10.39
CA ASN A 53 13.18 18.58 -9.70
C ASN A 53 11.92 17.77 -9.44
N PRO A 54 11.75 17.24 -8.21
CA PRO A 54 12.63 17.34 -7.04
C PRO A 54 13.92 16.56 -7.28
N SER A 55 14.93 16.85 -6.47
CA SER A 55 16.22 16.22 -6.58
C SER A 55 16.30 14.73 -6.26
N ARG A 56 16.32 13.90 -7.30
CA ARG A 56 16.43 12.45 -7.18
C ARG A 56 15.44 11.82 -6.17
N PRO A 57 14.14 11.94 -6.43
CA PRO A 57 13.14 11.38 -5.52
C PRO A 57 13.16 9.85 -5.55
N TRP A 58 12.61 9.20 -4.53
CA TRP A 58 12.59 7.75 -4.51
C TRP A 58 11.80 7.20 -5.71
N TRP A 59 10.76 7.92 -6.11
CA TRP A 59 9.91 7.46 -7.20
C TRP A 59 10.45 7.52 -8.62
N GLU A 60 11.63 8.10 -8.82
CA GLU A 60 12.19 8.12 -10.17
C GLU A 60 12.54 6.68 -10.58
N ARG A 61 12.79 5.82 -9.59
CA ARG A 61 13.13 4.42 -9.85
C ARG A 61 11.99 3.59 -10.39
N TYR A 62 10.79 4.17 -10.46
CA TYR A 62 9.66 3.45 -10.98
C TYR A 62 9.31 3.95 -12.38
N GLN A 63 10.29 4.57 -13.03
CA GLN A 63 10.13 5.07 -14.40
C GLN A 63 11.30 4.50 -15.21
N PRO A 64 11.17 3.26 -15.70
CA PRO A 64 12.21 2.59 -16.48
C PRO A 64 12.52 3.23 -17.82
N VAL A 65 13.75 3.09 -18.28
CA VAL A 65 14.16 3.59 -19.59
C VAL A 65 14.84 2.47 -20.36
N SER A 66 15.23 1.41 -19.65
CA SER A 66 15.86 0.23 -20.25
C SER A 66 15.94 -0.86 -19.19
N TYR A 67 16.42 -2.03 -19.57
CA TYR A 67 16.56 -3.13 -18.64
C TYR A 67 18.02 -3.40 -18.27
N LYS A 68 18.88 -2.42 -18.48
CA LYS A 68 20.29 -2.56 -18.12
C LYS A 68 20.35 -2.48 -16.60
N LEU A 69 21.14 -3.34 -15.98
CA LEU A 69 21.28 -3.34 -14.52
C LEU A 69 22.25 -2.24 -14.15
N CYS A 70 21.76 -1.00 -14.14
CA CYS A 70 22.61 0.14 -13.88
C CYS A 70 21.77 1.25 -13.24
N THR A 71 21.92 1.40 -11.92
CA THR A 71 21.17 2.39 -11.14
C THR A 71 22.04 2.98 -10.04
N ARG A 72 21.43 3.81 -9.21
CA ARG A 72 22.15 4.42 -8.09
C ARG A 72 22.56 3.38 -7.06
N SER A 73 21.89 2.23 -7.05
CA SER A 73 22.27 1.17 -6.11
C SER A 73 23.54 0.47 -6.57
N GLY A 74 23.86 0.58 -7.86
CA GLY A 74 25.06 -0.05 -8.37
C GLY A 74 24.93 -0.54 -9.79
N ASN A 75 25.94 -1.27 -10.26
CA ASN A 75 25.95 -1.79 -11.62
C ASN A 75 25.74 -3.29 -11.65
N GLU A 76 25.77 -3.87 -12.85
CA GLU A 76 25.53 -5.30 -13.01
C GLU A 76 26.48 -6.21 -12.26
N ASN A 77 27.77 -5.87 -12.22
CA ASN A 77 28.73 -6.71 -11.51
C ASN A 77 28.49 -6.67 -10.01
N GLU A 78 28.19 -5.48 -9.49
CA GLU A 78 27.90 -5.31 -8.07
C GLU A 78 26.61 -6.06 -7.72
N PHE A 79 25.65 -6.05 -8.63
CA PHE A 79 24.38 -6.74 -8.45
C PHE A 79 24.59 -8.26 -8.42
N ARG A 80 25.42 -8.76 -9.34
CA ARG A 80 25.70 -10.19 -9.39
C ARG A 80 26.43 -10.63 -8.12
N ASP A 81 27.39 -9.81 -7.70
CA ASP A 81 28.18 -10.08 -6.51
C ASP A 81 27.27 -10.20 -5.29
N MET A 82 26.32 -9.29 -5.18
CA MET A 82 25.35 -9.28 -4.10
C MET A 82 24.52 -10.55 -4.08
N VAL A 83 23.96 -10.91 -5.24
CA VAL A 83 23.12 -12.11 -5.33
C VAL A 83 23.90 -13.37 -4.97
N THR A 84 25.13 -13.47 -5.45
CA THR A 84 25.97 -14.62 -5.16
C THR A 84 26.30 -14.70 -3.67
N ARG A 85 26.78 -13.60 -3.10
CA ARG A 85 27.15 -13.58 -1.70
C ARG A 85 25.99 -13.83 -0.75
N CYS A 86 24.81 -13.27 -1.06
CA CYS A 86 23.64 -13.47 -0.23
C CYS A 86 23.18 -14.92 -0.29
N ASN A 87 23.09 -15.47 -1.50
CA ASN A 87 22.69 -16.86 -1.68
C ASN A 87 23.61 -17.81 -0.94
N ASN A 88 24.91 -17.50 -0.95
CA ASN A 88 25.90 -18.33 -0.27
C ASN A 88 25.68 -18.42 1.24
N VAL A 89 25.08 -17.39 1.84
CA VAL A 89 24.81 -17.43 3.26
C VAL A 89 23.33 -17.71 3.53
N GLY A 90 22.62 -18.22 2.53
CA GLY A 90 21.21 -18.57 2.69
C GLY A 90 20.17 -17.47 2.71
N VAL A 91 20.49 -16.31 2.16
CA VAL A 91 19.55 -15.19 2.13
C VAL A 91 19.19 -14.96 0.66
N ARG A 92 17.91 -15.06 0.32
CA ARG A 92 17.47 -14.87 -1.07
C ARG A 92 17.26 -13.42 -1.46
N ILE A 93 17.24 -13.18 -2.78
CA ILE A 93 17.02 -11.84 -3.31
C ILE A 93 15.75 -11.86 -4.18
N TYR A 94 14.86 -10.92 -3.93
CA TYR A 94 13.62 -10.81 -4.68
C TYR A 94 13.65 -9.45 -5.35
N VAL A 95 13.47 -9.43 -6.66
CA VAL A 95 13.52 -8.19 -7.41
C VAL A 95 12.18 -7.48 -7.61
N ASP A 96 12.21 -6.17 -7.46
CA ASP A 96 11.04 -5.34 -7.68
C ASP A 96 10.98 -5.14 -9.19
N ALA A 97 10.09 -5.88 -9.84
CA ALA A 97 9.91 -5.82 -11.29
C ALA A 97 8.92 -4.78 -11.76
N VAL A 98 9.43 -3.72 -12.39
CA VAL A 98 8.60 -2.64 -12.90
C VAL A 98 8.37 -2.96 -14.37
N ILE A 99 7.26 -3.62 -14.67
CA ILE A 99 6.98 -4.06 -16.04
C ILE A 99 5.70 -3.57 -16.71
N ASN A 100 4.91 -2.75 -16.02
CA ASN A 100 3.68 -2.25 -16.62
C ASN A 100 3.90 -1.04 -17.52
N HIS A 101 4.99 -0.33 -17.29
CA HIS A 101 5.26 0.90 -18.00
C HIS A 101 6.72 1.27 -18.10
N MET A 102 6.99 2.34 -18.84
CA MET A 102 8.33 2.88 -18.99
C MET A 102 8.23 4.23 -18.25
N CYS A 103 8.95 5.25 -18.67
CA CYS A 103 8.90 6.54 -17.98
C CYS A 103 7.72 7.41 -18.38
N GLY A 104 7.63 8.58 -17.77
CA GLY A 104 6.55 9.50 -18.05
C GLY A 104 6.59 9.98 -19.49
N SER A 105 5.42 10.05 -20.11
CA SER A 105 5.30 10.49 -21.49
C SER A 105 5.77 11.93 -21.67
N GLY A 106 5.80 12.67 -20.56
CA GLY A 106 6.22 14.06 -20.61
C GLY A 106 7.70 14.23 -20.31
N ALA A 107 8.42 13.13 -20.17
CA ALA A 107 9.84 13.18 -19.87
C ALA A 107 10.61 13.74 -21.07
N ALA A 108 11.69 14.44 -20.80
CA ALA A 108 12.51 15.04 -21.85
C ALA A 108 13.38 14.01 -22.54
N ALA A 109 13.43 14.09 -23.87
CA ALA A 109 14.26 13.18 -24.66
C ALA A 109 15.71 13.53 -24.37
N GLY A 110 16.51 12.49 -24.36
CA GLY A 110 17.87 12.83 -23.94
C GLY A 110 18.55 11.62 -23.34
N THR A 111 19.57 11.92 -22.60
CA THR A 111 20.40 10.93 -22.00
C THR A 111 20.47 11.17 -20.45
N GLY A 112 19.43 11.86 -19.91
CA GLY A 112 19.30 12.10 -18.46
C GLY A 112 18.71 10.84 -17.82
N THR A 113 19.49 9.76 -17.90
CA THR A 113 19.10 8.46 -17.41
C THR A 113 20.23 7.96 -16.52
N THR A 114 19.95 6.98 -15.66
CA THR A 114 20.99 6.49 -14.75
C THR A 114 22.17 5.78 -15.39
N CYS A 115 22.03 5.36 -16.65
CA CYS A 115 23.14 4.70 -17.32
C CYS A 115 23.51 5.37 -18.64
N GLY A 116 23.00 6.58 -18.86
CA GLY A 116 23.32 7.31 -20.06
C GLY A 116 22.64 6.86 -21.34
N SER A 117 21.67 5.96 -21.24
CA SER A 117 20.95 5.50 -22.42
C SER A 117 20.11 6.63 -22.96
N TYR A 118 19.90 6.62 -24.27
CA TYR A 118 19.10 7.63 -24.92
C TYR A 118 17.67 7.12 -25.00
N CYS A 119 16.72 8.05 -24.94
CA CYS A 119 15.32 7.70 -25.07
C CYS A 119 14.57 8.95 -25.48
N ASN A 120 13.45 8.76 -26.16
CA ASN A 120 12.63 9.88 -26.58
C ASN A 120 11.20 9.48 -26.22
N PRO A 121 10.82 9.73 -24.96
CA PRO A 121 9.49 9.41 -24.43
C PRO A 121 8.37 9.95 -25.30
N GLY A 122 8.53 11.19 -25.78
CA GLY A 122 7.51 11.80 -26.62
C GLY A 122 7.14 10.96 -27.84
N SER A 123 8.13 10.31 -28.44
CA SER A 123 7.90 9.47 -29.61
C SER A 123 7.91 7.99 -29.26
N ARG A 124 7.81 7.70 -27.96
CA ARG A 124 7.81 6.32 -27.45
C ARG A 124 9.00 5.52 -27.94
N GLU A 125 10.16 6.16 -27.97
CA GLU A 125 11.38 5.49 -28.43
C GLU A 125 12.29 5.16 -27.27
N PHE A 126 12.54 3.87 -27.08
CA PHE A 126 13.44 3.38 -26.04
C PHE A 126 14.37 2.41 -26.76
N PRO A 127 15.31 2.96 -27.54
CA PRO A 127 16.29 2.21 -28.33
C PRO A 127 17.18 1.23 -27.55
N ALA A 128 17.32 1.46 -26.24
CA ALA A 128 18.15 0.57 -25.42
C ALA A 128 17.44 -0.76 -25.10
N VAL A 129 16.16 -0.85 -25.40
CA VAL A 129 15.43 -2.08 -25.12
C VAL A 129 15.50 -3.11 -26.25
N PRO A 130 14.95 -2.79 -27.45
CA PRO A 130 14.27 -1.57 -27.90
C PRO A 130 12.75 -1.68 -27.91
N TYR A 131 12.10 -0.53 -27.72
CA TYR A 131 10.65 -0.42 -27.75
C TYR A 131 10.38 0.74 -28.68
N SER A 132 9.29 0.66 -29.42
CA SER A 132 8.88 1.70 -30.35
C SER A 132 7.42 1.99 -30.04
N ALA A 133 6.91 3.05 -30.64
CA ALA A 133 5.54 3.50 -30.45
C ALA A 133 4.49 2.40 -30.48
N TRP A 134 4.71 1.37 -31.29
CA TRP A 134 3.74 0.28 -31.41
C TRP A 134 3.77 -0.72 -30.26
N ASP A 135 4.68 -0.53 -29.32
CA ASP A 135 4.79 -1.41 -28.17
C ASP A 135 4.05 -0.84 -26.96
N PHE A 136 3.27 0.21 -27.19
CA PHE A 136 2.50 0.86 -26.11
C PHE A 136 0.99 0.85 -26.37
N ASN A 137 0.21 1.09 -25.32
CA ASN A 137 -1.26 1.05 -25.40
C ASN A 137 -1.98 2.29 -25.84
N ASP A 138 -1.26 3.26 -26.38
CA ASP A 138 -1.88 4.51 -26.83
C ASP A 138 -3.15 4.38 -27.66
N GLY A 139 -3.16 3.43 -28.60
CA GLY A 139 -4.33 3.26 -29.44
C GLY A 139 -5.45 2.43 -28.84
N LYS A 140 -5.14 1.68 -27.79
CA LYS A 140 -6.11 0.82 -27.13
C LYS A 140 -6.91 1.55 -26.05
N CYS A 141 -6.27 2.50 -25.39
CA CYS A 141 -6.90 3.25 -24.33
C CYS A 141 -8.15 3.99 -24.81
N LYS A 142 -9.25 3.82 -24.07
CA LYS A 142 -10.53 4.42 -24.43
C LYS A 142 -10.77 5.86 -24.01
N THR A 143 -9.93 6.44 -23.15
CA THR A 143 -10.15 7.79 -22.70
C THR A 143 -9.62 8.86 -23.64
N ALA A 144 -10.20 10.05 -23.54
CA ALA A 144 -9.80 11.18 -24.37
C ALA A 144 -8.44 11.72 -23.92
N SER A 145 -8.13 11.55 -22.65
CA SER A 145 -6.86 12.03 -22.11
C SER A 145 -5.75 11.00 -22.31
N GLY A 146 -6.13 9.74 -22.48
CA GLY A 146 -5.14 8.70 -22.65
C GLY A 146 -4.69 8.21 -21.29
N GLY A 147 -5.26 8.79 -20.23
CA GLY A 147 -4.91 8.39 -18.87
C GLY A 147 -6.10 7.71 -18.21
N ILE A 148 -5.90 7.16 -17.03
CA ILE A 148 -6.99 6.49 -16.29
C ILE A 148 -7.87 7.60 -15.76
N GLU A 149 -9.17 7.55 -16.06
CA GLU A 149 -10.11 8.55 -15.59
C GLU A 149 -11.12 8.01 -14.60
N SER A 150 -11.24 6.70 -14.54
CA SER A 150 -12.17 6.05 -13.62
C SER A 150 -11.67 4.66 -13.22
N TYR A 151 -11.53 4.44 -11.91
CA TYR A 151 -11.07 3.15 -11.41
C TYR A 151 -12.18 2.12 -11.35
N ASN A 152 -13.36 2.50 -11.82
CA ASN A 152 -14.50 1.59 -11.83
C ASN A 152 -14.59 0.89 -13.19
N ASP A 153 -13.65 1.20 -14.08
CA ASP A 153 -13.60 0.61 -15.42
C ASP A 153 -12.25 -0.10 -15.56
N PRO A 154 -12.27 -1.45 -15.52
CA PRO A 154 -11.06 -2.28 -15.64
C PRO A 154 -10.21 -1.99 -16.88
N TYR A 155 -10.87 -1.67 -17.99
CA TYR A 155 -10.16 -1.38 -19.23
C TYR A 155 -9.34 -0.12 -19.12
N GLN A 156 -9.87 0.89 -18.43
CA GLN A 156 -9.14 2.13 -18.24
C GLN A 156 -7.92 1.94 -17.35
N VAL A 157 -8.09 1.25 -16.21
CA VAL A 157 -6.97 1.08 -15.30
C VAL A 157 -5.85 0.19 -15.84
N ARG A 158 -6.19 -0.73 -16.75
CA ARG A 158 -5.18 -1.62 -17.32
C ARG A 158 -4.56 -1.19 -18.65
N ASP A 159 -5.37 -0.56 -19.51
CA ASP A 159 -4.91 -0.15 -20.83
C ASP A 159 -4.54 1.32 -20.99
N CYS A 160 -4.86 2.15 -20.00
CA CYS A 160 -4.52 3.56 -20.09
C CYS A 160 -3.30 3.90 -19.23
N GLN A 161 -2.79 5.11 -19.39
CA GLN A 161 -1.61 5.55 -18.65
C GLN A 161 -1.81 5.82 -17.17
N LEU A 162 -1.03 5.15 -16.35
CA LEU A 162 -1.06 5.31 -14.89
C LEU A 162 -0.24 6.58 -14.62
N VAL A 163 -0.90 7.63 -14.14
CA VAL A 163 -0.27 8.92 -13.84
C VAL A 163 0.77 9.40 -14.87
N GLY A 164 0.39 9.33 -16.14
CA GLY A 164 1.26 9.78 -17.21
C GLY A 164 2.38 8.85 -17.66
N LEU A 165 2.47 7.65 -17.10
CA LEU A 165 3.52 6.71 -17.48
C LEU A 165 3.14 5.97 -18.77
N LEU A 166 4.07 5.87 -19.70
CA LEU A 166 3.84 5.16 -20.96
C LEU A 166 3.50 3.70 -20.68
N ASP A 167 2.29 3.31 -21.05
CA ASP A 167 1.77 1.98 -20.79
C ASP A 167 2.12 0.92 -21.84
N LEU A 168 2.87 -0.09 -21.42
CA LEU A 168 3.32 -1.17 -22.30
C LEU A 168 2.20 -2.08 -22.80
N ALA A 169 2.28 -2.47 -24.07
CA ALA A 169 1.28 -3.36 -24.66
C ALA A 169 1.63 -4.80 -24.31
N LEU A 170 1.30 -5.19 -23.08
CA LEU A 170 1.60 -6.54 -22.58
C LEU A 170 0.91 -7.73 -23.24
N GLU A 171 0.02 -7.52 -24.19
CA GLU A 171 -0.61 -8.65 -24.87
C GLU A 171 0.22 -9.10 -26.06
N LYS A 172 1.14 -8.24 -26.50
CA LYS A 172 2.01 -8.54 -27.63
C LYS A 172 3.12 -9.47 -27.20
N ASP A 173 3.37 -10.49 -28.00
CA ASP A 173 4.42 -11.44 -27.66
C ASP A 173 5.81 -10.80 -27.64
N TYR A 174 6.02 -9.76 -28.46
CA TYR A 174 7.32 -9.10 -28.49
C TYR A 174 7.61 -8.46 -27.13
N VAL A 175 6.64 -7.71 -26.61
CA VAL A 175 6.76 -7.03 -25.33
C VAL A 175 6.94 -8.08 -24.22
N ARG A 176 6.08 -9.10 -24.25
CA ARG A 176 6.14 -10.19 -23.29
C ARG A 176 7.52 -10.83 -23.30
N SER A 177 8.08 -10.99 -24.49
CA SER A 177 9.40 -11.60 -24.63
C SER A 177 10.54 -10.71 -24.11
N MET A 178 10.45 -9.39 -24.35
CA MET A 178 11.47 -8.46 -23.87
C MET A 178 11.53 -8.48 -22.36
N ILE A 179 10.36 -8.48 -21.73
CA ILE A 179 10.26 -8.50 -20.29
C ILE A 179 10.75 -9.85 -19.75
N ALA A 180 10.35 -10.94 -20.41
CA ALA A 180 10.78 -12.28 -20.01
C ALA A 180 12.30 -12.43 -20.05
N ASP A 181 12.94 -11.82 -21.05
CA ASP A 181 14.40 -11.88 -21.17
C ASP A 181 15.06 -11.17 -20.01
N TYR A 182 14.46 -10.05 -19.61
CA TYR A 182 14.95 -9.26 -18.49
C TYR A 182 14.85 -10.10 -17.21
N LEU A 183 13.67 -10.65 -16.94
CA LEU A 183 13.45 -11.48 -15.75
C LEU A 183 14.27 -12.76 -15.73
N ASN A 184 14.43 -13.39 -16.90
CA ASN A 184 15.22 -14.62 -17.00
C ASN A 184 16.70 -14.38 -16.73
N LYS A 185 17.19 -13.21 -17.13
CA LYS A 185 18.59 -12.84 -16.89
C LYS A 185 18.82 -12.75 -15.38
N LEU A 186 17.82 -12.22 -14.67
CA LEU A 186 17.88 -12.09 -13.21
C LEU A 186 17.82 -13.47 -12.57
N ILE A 187 16.92 -14.31 -13.04
CA ILE A 187 16.78 -15.66 -12.52
C ILE A 187 18.10 -16.42 -12.66
N ASP A 188 18.71 -16.32 -13.83
CA ASP A 188 19.98 -17.00 -14.08
C ASP A 188 21.10 -16.47 -13.17
N ILE A 189 21.02 -15.20 -12.82
CA ILE A 189 22.02 -14.62 -11.91
C ILE A 189 21.84 -15.23 -10.53
N GLY A 190 20.62 -15.67 -10.21
CA GLY A 190 20.38 -16.29 -8.92
C GLY A 190 19.22 -15.75 -8.09
N VAL A 191 18.46 -14.81 -8.65
CA VAL A 191 17.30 -14.20 -7.98
C VAL A 191 16.25 -15.28 -7.71
N ALA A 192 15.61 -15.21 -6.55
CA ALA A 192 14.60 -16.20 -6.16
C ALA A 192 13.16 -15.89 -6.54
N GLY A 193 12.86 -14.63 -6.82
CA GLY A 193 11.50 -14.28 -7.16
C GLY A 193 11.36 -12.79 -7.42
N PHE A 194 10.13 -12.36 -7.66
CA PHE A 194 9.86 -10.96 -7.97
C PHE A 194 8.62 -10.38 -7.34
N ARG A 195 8.68 -9.08 -7.10
CA ARG A 195 7.56 -8.32 -6.62
C ARG A 195 7.08 -7.71 -7.94
N ILE A 196 5.85 -7.96 -8.34
CA ILE A 196 5.35 -7.38 -9.58
C ILE A 196 4.71 -6.03 -9.28
N ASP A 197 5.43 -4.96 -9.59
CA ASP A 197 4.95 -3.61 -9.35
C ASP A 197 3.72 -3.29 -10.20
N ALA A 198 2.78 -2.54 -9.62
CA ALA A 198 1.58 -2.11 -10.29
C ALA A 198 0.76 -3.18 -11.00
N SER A 199 0.62 -4.34 -10.37
CA SER A 199 -0.13 -5.45 -10.95
C SER A 199 -1.59 -5.17 -11.29
N LYS A 200 -2.21 -4.26 -10.56
CA LYS A 200 -3.60 -3.91 -10.79
C LYS A 200 -3.77 -3.30 -12.18
N HIS A 201 -2.68 -2.76 -12.70
CA HIS A 201 -2.70 -2.11 -14.00
C HIS A 201 -2.34 -2.96 -15.19
N MET A 202 -2.32 -4.27 -14.98
CA MET A 202 -2.02 -5.25 -16.02
C MET A 202 -3.07 -6.35 -15.91
N TRP A 203 -3.37 -6.99 -17.03
CA TRP A 203 -4.35 -8.07 -17.04
C TRP A 203 -3.68 -9.29 -16.44
N PRO A 204 -4.41 -10.05 -15.58
CA PRO A 204 -3.86 -11.25 -14.96
C PRO A 204 -3.30 -12.23 -15.99
N GLY A 205 -4.01 -12.34 -17.12
CA GLY A 205 -3.57 -13.22 -18.19
C GLY A 205 -2.25 -12.81 -18.83
N ASP A 206 -2.01 -11.51 -18.94
CA ASP A 206 -0.77 -11.02 -19.52
C ASP A 206 0.38 -11.32 -18.61
N ILE A 207 0.19 -11.12 -17.31
CA ILE A 207 1.24 -11.41 -16.34
C ILE A 207 1.55 -12.90 -16.42
N LYS A 208 0.48 -13.70 -16.49
CA LYS A 208 0.61 -15.15 -16.58
C LYS A 208 1.46 -15.56 -17.79
N ALA A 209 1.22 -14.90 -18.92
CA ALA A 209 1.95 -15.20 -20.15
C ALA A 209 3.45 -14.99 -19.96
N VAL A 210 3.83 -13.89 -19.30
CA VAL A 210 5.23 -13.60 -19.05
C VAL A 210 5.79 -14.65 -18.10
N LEU A 211 5.08 -14.91 -17.02
CA LEU A 211 5.51 -15.90 -16.03
C LEU A 211 5.78 -17.27 -16.63
N ASP A 212 4.94 -17.70 -17.57
CA ASP A 212 5.12 -19.00 -18.21
C ASP A 212 6.41 -19.09 -19.02
N LYS A 213 6.99 -17.94 -19.35
CA LYS A 213 8.23 -17.89 -20.13
C LYS A 213 9.47 -17.90 -19.24
N LEU A 214 9.30 -17.90 -17.93
CA LEU A 214 10.44 -17.86 -17.02
C LEU A 214 11.10 -19.21 -16.76
N HIS A 215 12.42 -19.17 -16.57
CA HIS A 215 13.23 -20.36 -16.31
C HIS A 215 13.01 -20.78 -14.88
N ASN A 216 13.45 -22.00 -14.56
CA ASN A 216 13.39 -22.47 -13.20
C ASN A 216 14.58 -21.81 -12.55
N LEU A 217 14.62 -21.82 -11.22
CA LEU A 217 15.71 -21.17 -10.49
C LEU A 217 17.08 -21.84 -10.65
N ASN A 218 18.13 -21.04 -10.48
CA ASN A 218 19.51 -21.49 -10.61
C ASN A 218 19.82 -22.65 -9.66
N THR A 219 20.08 -23.83 -10.23
CA THR A 219 20.37 -25.03 -9.45
C THR A 219 21.60 -24.98 -8.56
N ASN A 220 22.39 -23.93 -8.69
CA ASN A 220 23.56 -23.76 -7.86
C ASN A 220 23.10 -23.58 -6.42
N TRP A 221 21.93 -22.97 -6.25
CA TRP A 221 21.38 -22.72 -4.91
C TRP A 221 19.98 -23.27 -4.70
N PHE A 222 19.28 -23.59 -5.79
CA PHE A 222 17.92 -24.09 -5.68
C PHE A 222 17.76 -25.50 -6.25
N PRO A 223 16.83 -26.28 -5.66
CA PRO A 223 16.58 -27.65 -6.13
C PRO A 223 16.07 -27.58 -7.56
N ALA A 224 16.29 -28.65 -8.33
CA ALA A 224 15.85 -28.67 -9.71
C ALA A 224 14.33 -28.57 -9.80
N GLY A 225 13.86 -27.77 -10.75
CA GLY A 225 12.42 -27.61 -10.94
C GLY A 225 11.75 -26.55 -10.10
N SER A 226 12.53 -25.71 -9.43
CA SER A 226 11.97 -24.66 -8.59
C SER A 226 11.48 -23.47 -9.41
N ARG A 227 10.25 -23.04 -9.16
CA ARG A 227 9.68 -21.91 -9.86
C ARG A 227 9.91 -20.65 -9.03
N PRO A 228 10.08 -19.51 -9.68
CA PRO A 228 10.30 -18.28 -8.91
C PRO A 228 9.09 -17.85 -8.08
N PHE A 229 9.36 -17.33 -6.89
CA PHE A 229 8.33 -16.83 -5.98
C PHE A 229 7.78 -15.54 -6.59
N ILE A 230 6.45 -15.40 -6.60
CA ILE A 230 5.83 -14.23 -7.18
C ILE A 230 4.84 -13.54 -6.25
N PHE A 231 5.04 -12.27 -5.96
CA PHE A 231 4.08 -11.50 -5.17
C PHE A 231 3.73 -10.23 -5.92
N GLN A 232 2.45 -10.07 -6.20
CA GLN A 232 1.94 -8.96 -6.99
C GLN A 232 1.40 -7.83 -6.15
N GLU A 233 1.79 -6.60 -6.47
CA GLU A 233 1.29 -5.44 -5.74
C GLU A 233 -0.09 -5.06 -6.29
N VAL A 234 -1.12 -5.33 -5.50
CA VAL A 234 -2.48 -4.98 -5.86
C VAL A 234 -3.11 -4.38 -4.61
N ILE A 235 -3.56 -3.14 -4.70
CA ILE A 235 -4.19 -2.46 -3.58
C ILE A 235 -5.71 -2.65 -3.71
N ASP A 236 -6.26 -3.54 -2.90
CA ASP A 236 -7.70 -3.81 -2.92
C ASP A 236 -8.25 -3.77 -1.50
N LEU A 237 -8.83 -2.63 -1.14
CA LEU A 237 -9.41 -2.48 0.18
C LEU A 237 -10.92 -2.72 0.09
N GLY A 238 -11.37 -3.12 -1.10
CA GLY A 238 -12.77 -3.42 -1.31
C GLY A 238 -13.64 -2.37 -1.98
N GLY A 239 -13.09 -1.19 -2.26
CA GLY A 239 -13.93 -0.17 -2.88
C GLY A 239 -13.88 -0.03 -4.39
N GLU A 240 -13.68 -1.12 -5.14
CA GLU A 240 -13.58 -0.99 -6.60
C GLU A 240 -13.81 -2.22 -7.50
N ALA A 241 -13.71 -1.99 -8.81
CA ALA A 241 -13.93 -3.02 -9.82
C ALA A 241 -12.94 -4.18 -9.83
N ILE A 242 -11.65 -3.89 -9.68
CA ILE A 242 -10.65 -4.94 -9.70
C ILE A 242 -10.48 -5.53 -8.30
N GLN A 243 -10.40 -6.86 -8.22
CA GLN A 243 -10.26 -7.57 -6.95
C GLN A 243 -8.94 -8.32 -6.91
N SER A 244 -8.39 -8.49 -5.71
CA SER A 244 -7.13 -9.21 -5.53
C SER A 244 -7.20 -10.64 -6.02
N SER A 245 -8.38 -11.26 -5.88
CA SER A 245 -8.57 -12.64 -6.28
C SER A 245 -8.28 -12.92 -7.75
N GLU A 246 -8.42 -11.90 -8.59
CA GLU A 246 -8.15 -12.04 -10.02
C GLU A 246 -6.70 -12.42 -10.30
N TYR A 247 -5.83 -12.22 -9.32
CA TYR A 247 -4.41 -12.50 -9.48
C TYR A 247 -3.88 -13.73 -8.75
N PHE A 248 -4.77 -14.45 -8.07
CA PHE A 248 -4.38 -15.63 -7.31
C PHE A 248 -3.69 -16.71 -8.13
N GLY A 249 -4.00 -16.77 -9.42
CA GLY A 249 -3.40 -17.78 -10.28
C GLY A 249 -1.95 -17.56 -10.67
N ASN A 250 -1.45 -16.35 -10.45
CA ASN A 250 -0.06 -16.03 -10.79
C ASN A 250 0.90 -16.14 -9.64
N GLY A 251 0.38 -16.04 -8.41
CA GLY A 251 1.23 -16.14 -7.23
C GLY A 251 0.56 -15.41 -6.09
N ARG A 252 1.35 -14.97 -5.11
CA ARG A 252 0.82 -14.25 -3.96
C ARG A 252 0.47 -12.82 -4.31
N VAL A 253 -0.36 -12.22 -3.47
CA VAL A 253 -0.80 -10.84 -3.65
C VAL A 253 -0.60 -10.10 -2.33
N THR A 254 -0.25 -8.83 -2.42
CA THR A 254 -0.06 -7.98 -1.26
C THR A 254 -1.43 -7.76 -0.61
N GLU A 255 -1.55 -8.05 0.67
CA GLU A 255 -2.83 -7.85 1.36
C GLU A 255 -2.78 -6.53 2.09
N PHE A 256 -3.22 -5.47 1.42
CA PHE A 256 -3.19 -4.13 2.01
C PHE A 256 -4.22 -3.90 3.14
N LYS A 257 -5.22 -4.76 3.24
CA LYS A 257 -6.21 -4.63 4.31
C LYS A 257 -5.55 -4.91 5.67
N TYR A 258 -4.54 -5.78 5.66
CA TYR A 258 -3.82 -6.19 6.87
C TYR A 258 -3.26 -5.04 7.70
N GLY A 259 -2.34 -4.27 7.12
CA GLY A 259 -1.74 -3.15 7.84
C GLY A 259 -2.70 -2.04 8.22
N ALA A 260 -3.69 -1.77 7.38
CA ALA A 260 -4.67 -0.72 7.66
C ALA A 260 -5.54 -1.10 8.86
N LYS A 261 -6.01 -2.35 8.88
CA LYS A 261 -6.84 -2.84 9.98
C LYS A 261 -6.04 -2.94 11.26
N LEU A 262 -4.86 -3.56 11.19
CA LEU A 262 -4.01 -3.73 12.35
C LEU A 262 -3.68 -2.37 12.99
N GLY A 263 -3.38 -1.38 12.16
CA GLY A 263 -3.06 -0.07 12.66
C GLY A 263 -4.19 0.56 13.45
N THR A 264 -5.43 0.39 12.97
CA THR A 264 -6.59 0.94 13.66
C THR A 264 -6.78 0.29 15.04
N VAL A 265 -6.61 -1.03 15.09
CA VAL A 265 -6.75 -1.81 16.32
C VAL A 265 -5.69 -1.44 17.36
N VAL A 266 -4.42 -1.45 16.96
CA VAL A 266 -3.35 -1.14 17.88
C VAL A 266 -3.44 0.30 18.42
N ARG A 267 -3.95 1.20 17.60
CA ARG A 267 -4.10 2.59 18.04
C ARG A 267 -5.38 2.76 18.88
N LYS A 268 -6.23 1.74 18.85
CA LYS A 268 -7.49 1.74 19.59
C LYS A 268 -8.44 2.82 19.05
N TRP A 269 -8.52 2.91 17.73
CA TRP A 269 -9.40 3.88 17.10
C TRP A 269 -10.68 3.21 16.63
N SER A 270 -11.71 4.03 16.43
CA SER A 270 -12.99 3.55 15.92
C SER A 270 -13.61 2.43 16.74
N GLY A 271 -13.40 2.48 18.05
CA GLY A 271 -13.95 1.46 18.93
C GLY A 271 -13.32 0.08 18.84
N GLU A 272 -12.17 -0.02 18.18
CA GLU A 272 -11.48 -1.30 18.05
C GLU A 272 -10.71 -1.61 19.32
N LYS A 273 -10.63 -2.91 19.64
CA LYS A 273 -9.92 -3.38 20.83
C LYS A 273 -9.08 -4.56 20.37
N MET A 274 -7.94 -4.78 21.03
CA MET A 274 -7.08 -5.90 20.66
C MET A 274 -7.77 -7.24 20.87
N SER A 275 -8.73 -7.32 21.78
CA SER A 275 -9.43 -8.58 22.02
C SER A 275 -10.16 -9.08 20.76
N TYR A 276 -10.39 -8.18 19.82
CA TYR A 276 -11.08 -8.51 18.57
C TYR A 276 -10.20 -9.30 17.61
N LEU A 277 -8.89 -9.31 17.86
CA LEU A 277 -7.93 -10.01 16.99
C LEU A 277 -7.98 -11.52 17.14
N LYS A 278 -8.88 -12.01 17.99
CA LYS A 278 -9.03 -13.43 18.21
C LYS A 278 -9.17 -14.22 16.91
N ASN A 279 -9.96 -13.69 15.99
CA ASN A 279 -10.18 -14.37 14.71
C ASN A 279 -9.49 -13.67 13.53
N TRP A 280 -8.36 -13.03 13.81
CA TRP A 280 -7.54 -12.32 12.83
C TRP A 280 -7.20 -13.24 11.65
N GLY A 281 -7.18 -12.69 10.45
CA GLY A 281 -6.88 -13.50 9.30
C GLY A 281 -8.08 -13.51 8.39
N GLU A 282 -8.42 -14.68 7.84
CA GLU A 282 -9.56 -14.78 6.94
C GLU A 282 -10.85 -14.35 7.63
N GLY A 283 -10.87 -14.46 8.96
CA GLY A 283 -12.04 -14.07 9.72
C GLY A 283 -12.37 -12.59 9.57
N TRP A 284 -11.34 -11.79 9.28
CA TRP A 284 -11.53 -10.36 9.11
C TRP A 284 -11.82 -9.98 7.66
N GLY A 285 -12.00 -10.98 6.81
CA GLY A 285 -12.29 -10.70 5.41
C GLY A 285 -11.04 -10.59 4.54
N PHE A 286 -9.94 -11.14 5.01
CA PHE A 286 -8.68 -11.08 4.28
C PHE A 286 -8.65 -12.24 3.29
N MET A 287 -7.70 -12.20 2.37
CA MET A 287 -7.55 -13.23 1.36
C MET A 287 -7.00 -14.50 2.00
N PRO A 288 -7.02 -15.64 1.27
CA PRO A 288 -6.49 -16.88 1.85
C PRO A 288 -5.05 -16.69 2.28
N SER A 289 -4.71 -17.20 3.46
CA SER A 289 -3.38 -17.10 4.03
C SER A 289 -2.26 -17.50 3.05
N ASP A 290 -2.48 -18.60 2.34
CA ASP A 290 -1.50 -19.10 1.38
C ASP A 290 -1.35 -18.27 0.09
N ARG A 291 -2.10 -17.19 -0.03
CA ARG A 291 -2.02 -16.29 -1.19
C ARG A 291 -1.56 -14.91 -0.73
N ALA A 292 -1.37 -14.74 0.57
CA ALA A 292 -1.03 -13.43 1.09
C ALA A 292 0.39 -13.09 1.45
N LEU A 293 0.78 -11.85 1.13
CA LEU A 293 2.08 -11.32 1.51
C LEU A 293 1.62 -10.20 2.43
N VAL A 294 2.04 -10.23 3.69
CA VAL A 294 1.61 -9.24 4.65
C VAL A 294 2.74 -8.38 5.16
N PHE A 295 2.37 -7.22 5.70
CA PHE A 295 3.33 -6.25 6.21
C PHE A 295 2.55 -5.17 6.96
N VAL A 296 3.24 -4.44 7.84
CA VAL A 296 2.61 -3.37 8.59
C VAL A 296 2.58 -2.09 7.75
N ASP A 297 3.70 -1.79 7.11
CA ASP A 297 3.80 -0.61 6.24
C ASP A 297 4.72 -0.98 5.08
N ASN A 298 4.62 -0.24 3.98
CA ASN A 298 5.52 -0.48 2.85
C ASN A 298 6.16 0.86 2.50
N HIS A 299 7.12 0.85 1.59
CA HIS A 299 7.82 2.07 1.21
C HIS A 299 6.94 3.25 0.81
N ASP A 300 5.80 2.97 0.20
CA ASP A 300 4.89 4.02 -0.24
C ASP A 300 3.97 4.52 0.87
N ASN A 301 3.21 3.62 1.49
CA ASN A 301 2.28 4.05 2.53
C ASN A 301 2.87 4.48 3.87
N GLN A 302 4.18 4.36 4.06
CA GLN A 302 4.77 4.83 5.31
C GLN A 302 4.90 6.36 5.24
N ARG A 303 4.69 6.91 4.04
CA ARG A 303 4.79 8.36 3.84
C ARG A 303 3.43 9.05 3.81
N GLY A 304 3.46 10.37 3.86
CA GLY A 304 2.26 11.18 3.77
C GLY A 304 1.33 11.30 4.97
N HIS A 305 1.78 10.89 6.14
CA HIS A 305 0.94 10.94 7.33
C HIS A 305 1.38 11.95 8.38
N GLY A 306 2.16 12.94 7.98
CA GLY A 306 2.63 13.94 8.93
C GLY A 306 1.54 14.67 9.69
N ALA A 307 0.43 14.95 9.01
CA ALA A 307 -0.70 15.67 9.60
C ALA A 307 -1.66 14.81 10.44
N GLY A 308 -1.33 13.54 10.64
CA GLY A 308 -2.17 12.65 11.43
C GLY A 308 -3.41 12.12 10.74
N GLY A 309 -4.26 11.44 11.51
CA GLY A 309 -5.49 10.89 10.97
C GLY A 309 -5.35 9.58 10.24
N ALA A 310 -4.12 9.14 10.04
CA ALA A 310 -3.85 7.90 9.34
C ALA A 310 -3.56 6.77 10.33
N SER A 311 -4.14 5.60 10.12
CA SER A 311 -3.94 4.48 11.03
C SER A 311 -2.64 3.73 10.79
N ILE A 312 -2.07 3.87 9.60
CA ILE A 312 -0.83 3.19 9.24
C ILE A 312 0.27 3.46 10.28
N LEU A 313 0.90 2.41 10.78
CA LEU A 313 1.96 2.53 11.76
C LEU A 313 3.30 2.42 11.05
N THR A 314 4.27 3.23 11.47
CA THR A 314 5.60 3.24 10.87
C THR A 314 6.63 3.45 11.97
N PHE A 315 7.91 3.47 11.60
CA PHE A 315 8.99 3.67 12.55
C PHE A 315 8.85 4.98 13.30
N TRP A 316 8.08 5.92 12.75
CA TRP A 316 7.87 7.21 13.40
C TRP A 316 7.15 7.04 14.74
N ASP A 317 6.35 5.98 14.86
CA ASP A 317 5.60 5.67 16.09
C ASP A 317 6.17 4.34 16.59
N ALA A 318 7.45 4.38 16.91
CA ALA A 318 8.20 3.22 17.35
C ALA A 318 7.54 2.25 18.32
N ARG A 319 7.02 2.75 19.43
CA ARG A 319 6.40 1.87 20.41
C ARG A 319 5.24 1.06 19.85
N LEU A 320 4.26 1.73 19.26
CA LEU A 320 3.11 1.06 18.68
C LEU A 320 3.50 0.20 17.48
N TYR A 321 4.50 0.65 16.72
CA TYR A 321 4.99 -0.08 15.55
C TYR A 321 5.56 -1.44 15.95
N LYS A 322 6.39 -1.47 17.00
CA LYS A 322 6.98 -2.72 17.47
C LYS A 322 5.93 -3.72 17.92
N VAL A 323 4.87 -3.23 18.54
CA VAL A 323 3.77 -4.08 18.98
C VAL A 323 3.07 -4.69 17.77
N ALA A 324 2.79 -3.87 16.75
CA ALA A 324 2.11 -4.33 15.55
C ALA A 324 2.96 -5.35 14.78
N VAL A 325 4.25 -5.05 14.61
CA VAL A 325 5.16 -5.93 13.89
C VAL A 325 5.31 -7.23 14.68
N GLY A 326 5.34 -7.14 16.01
CA GLY A 326 5.45 -8.32 16.85
C GLY A 326 4.25 -9.23 16.70
N PHE A 327 3.05 -8.64 16.69
CA PHE A 327 1.84 -9.41 16.53
C PHE A 327 1.85 -10.10 15.17
N MET A 328 2.20 -9.36 14.12
CA MET A 328 2.25 -9.90 12.77
C MET A 328 3.21 -11.09 12.69
N LEU A 329 4.42 -10.91 13.21
CA LEU A 329 5.44 -11.95 13.18
C LEU A 329 5.08 -13.19 13.99
N ALA A 330 4.23 -13.02 15.00
CA ALA A 330 3.81 -14.13 15.82
C ALA A 330 2.61 -14.88 15.24
N HIS A 331 1.73 -14.18 14.55
CA HIS A 331 0.52 -14.78 13.98
C HIS A 331 0.79 -15.64 12.74
N PRO A 332 0.12 -16.80 12.62
CA PRO A 332 0.34 -17.68 11.46
C PRO A 332 -0.14 -17.18 10.08
N TYR A 333 -0.95 -16.14 10.03
CA TYR A 333 -1.46 -15.65 8.76
C TYR A 333 -0.44 -15.02 7.82
N GLY A 334 -0.42 -15.50 6.58
CA GLY A 334 0.44 -14.98 5.52
C GLY A 334 1.94 -15.14 5.58
N PHE A 335 2.62 -14.65 4.53
CA PHE A 335 4.08 -14.67 4.48
C PHE A 335 4.44 -13.24 4.80
N THR A 336 5.31 -13.07 5.78
CA THR A 336 5.66 -11.74 6.28
C THR A 336 6.83 -11.01 5.66
N ARG A 337 6.66 -9.71 5.50
CA ARG A 337 7.71 -8.85 4.99
C ARG A 337 7.94 -7.74 6.01
N VAL A 338 9.21 -7.57 6.39
CA VAL A 338 9.63 -6.56 7.33
C VAL A 338 10.14 -5.34 6.53
N MET A 339 9.82 -4.14 7.00
CA MET A 339 10.25 -2.91 6.35
C MET A 339 11.55 -2.41 6.97
N SER A 340 12.42 -1.80 6.16
CA SER A 340 13.66 -1.20 6.63
C SER A 340 13.78 0.11 5.85
N SER A 341 13.69 1.22 6.57
CA SER A 341 13.68 2.55 5.98
C SER A 341 14.87 3.47 6.24
N TYR A 342 14.77 4.67 5.69
CA TYR A 342 15.74 5.72 5.94
C TYR A 342 14.86 6.86 6.44
N ARG A 343 15.39 7.69 7.33
CA ARG A 343 14.57 8.78 7.82
C ARG A 343 14.77 10.03 6.97
N TRP A 344 13.72 10.82 6.86
CA TRP A 344 13.75 12.05 6.09
C TRP A 344 13.22 13.16 6.98
N ALA A 345 13.46 14.40 6.59
CA ALA A 345 13.00 15.55 7.37
C ALA A 345 11.54 15.82 7.08
N ARG A 346 10.69 15.63 8.08
CA ARG A 346 9.26 15.89 7.94
C ARG A 346 9.02 17.37 8.17
N ASN A 347 8.97 18.14 7.08
CA ASN A 347 8.75 19.56 7.14
C ASN A 347 7.42 19.95 6.50
N PHE A 348 6.65 20.77 7.19
CA PHE A 348 5.35 21.21 6.72
C PHE A 348 5.31 22.58 6.08
N VAL A 349 4.47 22.69 5.06
CA VAL A 349 4.25 23.95 4.37
C VAL A 349 2.73 24.00 4.26
N ASN A 350 2.12 24.89 5.03
CA ASN A 350 0.68 25.06 5.03
C ASN A 350 -0.14 23.81 5.40
N GLY A 351 0.36 23.04 6.37
CA GLY A 351 -0.34 21.86 6.82
C GLY A 351 -0.13 20.54 6.10
N GLU A 352 0.85 20.49 5.21
CA GLU A 352 1.14 19.27 4.47
C GLU A 352 2.65 19.06 4.41
N ASP A 353 3.11 17.82 4.60
CA ASP A 353 4.54 17.55 4.53
C ASP A 353 4.97 17.67 3.08
N VAL A 354 6.11 18.30 2.86
CA VAL A 354 6.64 18.51 1.53
C VAL A 354 7.83 17.61 1.21
N ASN A 355 8.19 16.73 2.14
CA ASN A 355 9.33 15.87 1.90
C ASN A 355 9.02 14.39 1.69
N ASP A 356 7.81 14.08 1.24
CA ASP A 356 7.45 12.69 0.99
C ASP A 356 8.17 12.16 -0.24
N TRP A 357 8.76 13.07 -1.02
CA TRP A 357 9.47 12.70 -2.25
C TRP A 357 10.93 12.39 -2.03
N ILE A 358 11.51 12.92 -0.95
CA ILE A 358 12.92 12.75 -0.65
C ILE A 358 13.47 11.34 -0.83
N GLY A 359 14.60 11.25 -1.54
CA GLY A 359 15.22 9.96 -1.79
C GLY A 359 16.12 9.56 -0.64
N PRO A 360 16.86 8.44 -0.79
CA PRO A 360 17.77 7.92 0.23
C PRO A 360 18.87 8.89 0.63
N PRO A 361 19.48 8.67 1.81
CA PRO A 361 20.57 9.53 2.31
C PRO A 361 21.60 9.63 1.20
N ASN A 362 22.09 10.82 0.92
CA ASN A 362 23.03 10.97 -0.18
C ASN A 362 23.97 12.17 -0.08
N ASN A 363 25.05 12.09 -0.85
CA ASN A 363 26.06 13.14 -0.94
C ASN A 363 26.00 13.59 -2.38
N ASN A 364 25.31 14.70 -2.62
CA ASN A 364 25.16 15.25 -3.97
C ASN A 364 24.59 14.21 -4.94
N GLY A 365 23.61 13.45 -4.48
CA GLY A 365 22.99 12.45 -5.33
C GLY A 365 23.55 11.05 -5.26
N VAL A 366 24.72 10.89 -4.64
CA VAL A 366 25.33 9.58 -4.50
C VAL A 366 24.88 8.98 -3.17
N ILE A 367 24.15 7.87 -3.23
CA ILE A 367 23.64 7.22 -2.02
C ILE A 367 24.73 6.91 -1.00
N LYS A 368 24.50 7.32 0.25
CA LYS A 368 25.45 7.10 1.34
C LYS A 368 25.49 5.64 1.74
N GLU A 369 26.65 5.18 2.20
CA GLU A 369 26.79 3.80 2.62
C GLU A 369 26.09 3.61 3.97
N VAL A 370 25.75 2.37 4.28
CA VAL A 370 25.11 2.07 5.55
C VAL A 370 26.21 1.80 6.57
N THR A 371 26.31 2.67 7.57
CA THR A 371 27.32 2.51 8.59
C THR A 371 26.71 1.84 9.81
N ILE A 372 27.44 0.86 10.37
CA ILE A 372 26.97 0.13 11.54
C ILE A 372 27.66 0.62 12.81
N ASN A 373 26.87 1.03 13.79
CA ASN A 373 27.40 1.50 15.05
C ASN A 373 27.65 0.33 15.99
N ALA A 374 28.44 0.55 17.04
CA ALA A 374 28.79 -0.50 18.00
C ALA A 374 27.56 -1.14 18.66
N ASP A 375 26.49 -0.36 18.80
CA ASP A 375 25.26 -0.86 19.41
C ASP A 375 24.36 -1.57 18.40
N THR A 376 24.95 -1.97 17.27
CA THR A 376 24.26 -2.66 16.17
C THR A 376 23.22 -1.84 15.42
N THR A 377 23.15 -0.54 15.69
CA THR A 377 22.21 0.32 15.00
C THR A 377 22.93 0.89 13.79
N CYS A 378 22.20 1.57 12.90
CA CYS A 378 22.79 2.15 11.71
C CYS A 378 22.95 3.65 11.78
N GLY A 379 23.90 4.16 11.01
CA GLY A 379 24.15 5.59 10.95
C GLY A 379 23.75 6.07 9.56
N ASN A 380 24.14 7.29 9.20
CA ASN A 380 23.84 7.86 7.89
C ASN A 380 22.36 7.95 7.56
N ASP A 381 21.54 8.06 8.61
CA ASP A 381 20.09 8.18 8.48
C ASP A 381 19.29 6.98 8.03
N TRP A 382 19.91 5.80 8.05
CA TRP A 382 19.20 4.57 7.71
C TRP A 382 18.64 4.17 9.06
N VAL A 383 17.32 3.93 9.15
CA VAL A 383 16.76 3.57 10.46
C VAL A 383 16.99 2.12 10.87
N CYS A 384 17.08 1.22 9.88
CA CYS A 384 17.35 -0.19 10.13
C CYS A 384 16.43 -0.87 11.15
N GLU A 385 15.12 -0.81 10.93
CA GLU A 385 14.16 -1.45 11.83
C GLU A 385 14.48 -2.92 11.98
N HIS A 386 15.02 -3.53 10.93
CA HIS A 386 15.34 -4.95 10.96
C HIS A 386 16.42 -5.29 11.96
N ARG A 387 17.11 -4.27 12.45
CA ARG A 387 18.15 -4.44 13.45
C ARG A 387 17.67 -4.17 14.87
N TRP A 388 16.46 -3.64 15.02
CA TRP A 388 15.91 -3.38 16.36
C TRP A 388 15.77 -4.74 17.02
N ARG A 389 16.23 -4.87 18.26
CA ARG A 389 16.16 -6.16 18.98
C ARG A 389 14.78 -6.81 18.95
N GLU A 390 13.76 -6.00 19.23
CA GLU A 390 12.37 -6.45 19.27
C GLU A 390 11.88 -7.03 17.96
N ILE A 391 12.36 -6.47 16.85
CA ILE A 391 11.95 -6.95 15.55
C ILE A 391 12.84 -8.13 15.15
N ARG A 392 14.13 -7.99 15.39
CA ARG A 392 15.10 -9.04 15.10
C ARG A 392 14.70 -10.34 15.80
N ASN A 393 14.39 -10.25 17.08
CA ASN A 393 14.01 -11.43 17.84
C ASN A 393 12.67 -12.02 17.46
N MET A 394 11.76 -11.19 16.95
CA MET A 394 10.48 -11.71 16.51
C MET A 394 10.58 -12.43 15.17
N VAL A 395 11.54 -12.07 14.31
CA VAL A 395 11.66 -12.81 13.05
C VAL A 395 12.25 -14.18 13.40
N TRP A 396 13.05 -14.22 14.46
CA TRP A 396 13.61 -15.47 14.91
C TRP A 396 12.48 -16.33 15.49
N PHE A 397 11.62 -15.69 16.28
CA PHE A 397 10.45 -16.35 16.87
C PHE A 397 9.63 -17.02 15.76
N ARG A 398 9.37 -16.31 14.68
CA ARG A 398 8.60 -16.87 13.57
C ARG A 398 9.24 -18.13 12.96
N ASN A 399 10.57 -18.14 12.88
CA ASN A 399 11.28 -19.30 12.35
C ASN A 399 11.10 -20.49 13.30
N VAL A 400 11.24 -20.22 14.60
CA VAL A 400 11.13 -21.25 15.64
C VAL A 400 9.75 -21.93 15.72
N VAL A 401 8.70 -21.15 15.58
CA VAL A 401 7.34 -21.68 15.67
C VAL A 401 6.74 -22.10 14.34
N ASP A 402 7.53 -21.98 13.27
CA ASP A 402 7.07 -22.31 11.92
C ASP A 402 6.28 -23.63 11.84
N GLY A 403 5.02 -23.52 11.46
CA GLY A 403 4.19 -24.71 11.32
C GLY A 403 3.26 -25.00 12.49
N GLN A 404 3.60 -24.48 13.67
CA GLN A 404 2.80 -24.70 14.86
C GLN A 404 1.47 -23.95 14.78
N PRO A 405 0.36 -24.61 15.16
CA PRO A 405 -0.96 -23.96 15.11
C PRO A 405 -1.18 -22.87 16.14
N PHE A 406 -2.10 -21.97 15.81
CA PHE A 406 -2.49 -20.88 16.69
C PHE A 406 -3.19 -21.62 17.85
N ALA A 407 -2.81 -21.30 19.09
CA ALA A 407 -3.40 -21.98 20.25
C ALA A 407 -3.38 -21.12 21.51
N ASN A 408 -4.09 -21.60 22.53
CA ASN A 408 -4.17 -20.95 23.83
C ASN A 408 -4.41 -19.46 23.85
N TRP A 409 -5.39 -19.01 23.09
CA TRP A 409 -5.73 -17.60 23.08
C TRP A 409 -6.35 -17.19 24.41
N TRP A 410 -6.03 -15.99 24.86
CA TRP A 410 -6.56 -15.43 26.10
C TRP A 410 -6.70 -13.93 25.88
N ASP A 411 -7.70 -13.33 26.52
CA ASP A 411 -7.91 -11.89 26.46
C ASP A 411 -8.69 -11.47 27.69
N ASN A 412 -8.52 -10.22 28.11
CA ASN A 412 -9.20 -9.70 29.29
C ASN A 412 -10.47 -8.94 28.91
N GLY A 413 -10.96 -9.16 27.70
CA GLY A 413 -12.16 -8.48 27.23
C GLY A 413 -11.92 -7.05 26.80
N SER A 414 -10.67 -6.61 26.88
CA SER A 414 -10.31 -5.25 26.51
C SER A 414 -9.09 -5.25 25.56
N ASN A 415 -7.93 -4.77 26.01
CA ASN A 415 -6.74 -4.73 25.16
C ASN A 415 -5.54 -5.54 25.66
N GLN A 416 -5.81 -6.59 26.42
CA GLN A 416 -4.74 -7.46 26.91
C GLN A 416 -5.05 -8.78 26.23
N VAL A 417 -4.07 -9.27 25.50
CA VAL A 417 -4.24 -10.46 24.68
C VAL A 417 -3.01 -11.35 24.77
N ALA A 418 -3.21 -12.64 24.51
CA ALA A 418 -2.11 -13.60 24.54
C ALA A 418 -2.47 -14.81 23.70
N PHE A 419 -1.46 -15.41 23.10
CA PHE A 419 -1.66 -16.61 22.30
C PHE A 419 -0.33 -17.30 22.07
N GLY A 420 -0.40 -18.58 21.75
CA GLY A 420 0.79 -19.35 21.50
C GLY A 420 0.74 -20.01 20.15
N ARG A 421 1.84 -20.67 19.81
CA ARG A 421 1.97 -21.37 18.55
C ARG A 421 2.38 -22.78 18.94
N GLY A 422 1.39 -23.66 19.03
CA GLY A 422 1.66 -25.03 19.42
C GLY A 422 2.35 -25.04 20.76
N ASN A 423 3.45 -25.78 20.84
CA ASN A 423 4.21 -25.84 22.08
C ASN A 423 5.60 -25.24 21.88
N ARG A 424 5.75 -24.37 20.88
CA ARG A 424 7.04 -23.76 20.62
C ARG A 424 7.17 -22.27 20.94
N GLY A 425 6.05 -21.57 21.08
CA GLY A 425 6.13 -20.15 21.38
C GLY A 425 4.87 -19.58 21.98
N PHE A 426 5.02 -18.49 22.74
CA PHE A 426 3.90 -17.83 23.39
C PHE A 426 4.20 -16.34 23.45
N ILE A 427 3.19 -15.51 23.25
CA ILE A 427 3.36 -14.08 23.27
C ILE A 427 2.18 -13.43 24.00
N VAL A 428 2.46 -12.36 24.75
CA VAL A 428 1.42 -11.67 25.50
C VAL A 428 1.57 -10.15 25.37
N PHE A 429 0.45 -9.48 25.11
CA PHE A 429 0.43 -8.03 24.92
C PHE A 429 -0.44 -7.32 25.93
N ASN A 430 0.00 -6.13 26.34
CA ASN A 430 -0.78 -5.30 27.24
C ASN A 430 -0.96 -3.95 26.57
N ASN A 431 -2.06 -3.76 25.87
CA ASN A 431 -2.33 -2.49 25.22
C ASN A 431 -3.41 -1.71 25.97
N ASP A 432 -3.61 -2.06 27.25
CA ASP A 432 -4.60 -1.36 28.07
C ASP A 432 -3.87 -0.33 28.90
N ASP A 433 -4.62 0.65 29.41
CA ASP A 433 -4.06 1.70 30.24
C ASP A 433 -3.95 1.29 31.70
N TRP A 434 -3.65 0.02 31.92
CA TRP A 434 -3.48 -0.50 33.27
C TRP A 434 -2.58 -1.72 33.23
N GLN A 435 -2.12 -2.12 34.40
CA GLN A 435 -1.22 -3.26 34.53
C GLN A 435 -1.86 -4.59 34.13
N LEU A 436 -1.02 -5.50 33.65
CA LEU A 436 -1.45 -6.82 33.27
C LEU A 436 -0.80 -7.71 34.31
N SER A 437 -1.62 -8.42 35.07
CA SER A 437 -1.11 -9.31 36.09
C SER A 437 -2.04 -10.50 36.07
N SER A 438 -1.59 -11.58 35.44
CA SER A 438 -2.39 -12.80 35.33
C SER A 438 -1.48 -13.97 35.12
N THR A 439 -2.00 -15.15 35.46
CA THR A 439 -1.29 -16.38 35.27
C THR A 439 -1.98 -16.99 34.05
N LEU A 440 -1.21 -17.31 33.03
CA LEU A 440 -1.80 -17.86 31.82
C LEU A 440 -1.21 -19.19 31.40
N GLN A 441 -1.99 -19.96 30.65
CA GLN A 441 -1.55 -21.23 30.11
C GLN A 441 -0.77 -20.88 28.84
N THR A 442 0.52 -21.22 28.83
CA THR A 442 1.37 -20.91 27.69
C THR A 442 1.48 -22.04 26.66
N GLY A 443 1.14 -23.26 27.09
CA GLY A 443 1.22 -24.40 26.20
C GLY A 443 2.65 -24.87 26.04
N LEU A 444 3.58 -24.24 26.74
CA LEU A 444 5.00 -24.58 26.66
C LEU A 444 5.47 -25.50 27.78
N PRO A 445 6.55 -26.27 27.53
CA PRO A 445 7.11 -27.18 28.52
C PRO A 445 7.62 -26.35 29.71
N GLY A 446 7.55 -26.91 30.91
CA GLY A 446 8.00 -26.20 32.08
C GLY A 446 9.46 -25.81 31.97
N GLY A 447 9.83 -24.70 32.60
CA GLY A 447 11.20 -24.23 32.56
C GLY A 447 11.26 -22.73 32.69
N THR A 448 12.45 -22.16 32.58
CA THR A 448 12.63 -20.72 32.67
C THR A 448 13.00 -20.23 31.27
N TYR A 449 12.29 -19.23 30.78
CA TYR A 449 12.53 -18.70 29.44
C TYR A 449 12.91 -17.23 29.47
N CYS A 450 13.77 -16.84 28.54
CA CYS A 450 14.16 -15.45 28.43
C CYS A 450 13.14 -14.77 27.54
N ASP A 451 12.68 -13.61 27.97
CA ASP A 451 11.76 -12.83 27.17
C ASP A 451 12.67 -12.26 26.07
N VAL A 452 12.35 -12.54 24.81
CA VAL A 452 13.16 -12.05 23.70
C VAL A 452 12.86 -10.61 23.27
N ILE A 453 11.90 -9.97 23.93
CA ILE A 453 11.55 -8.58 23.61
C ILE A 453 12.42 -7.62 24.41
N SER A 454 12.61 -7.89 25.70
CA SER A 454 13.42 -7.03 26.56
C SER A 454 14.88 -7.43 26.58
N GLY A 455 15.20 -8.60 26.06
CA GLY A 455 16.58 -9.02 26.09
C GLY A 455 16.84 -10.19 25.20
N ASP A 456 17.88 -10.95 25.53
CA ASP A 456 18.28 -12.09 24.75
C ASP A 456 18.76 -13.17 25.70
N LYS A 457 18.88 -14.38 25.18
CA LYS A 457 19.41 -15.47 25.97
C LYS A 457 20.90 -15.46 25.61
N VAL A 458 21.73 -15.08 26.56
CA VAL A 458 23.17 -15.05 26.34
C VAL A 458 23.82 -16.05 27.27
N GLY A 459 24.38 -17.09 26.68
CA GLY A 459 25.05 -18.11 27.46
C GLY A 459 24.10 -18.81 28.40
N ASN A 460 24.37 -18.71 29.69
CA ASN A 460 23.55 -19.35 30.70
C ASN A 460 22.54 -18.42 31.36
N SER A 461 22.32 -17.25 30.80
CA SER A 461 21.39 -16.30 31.39
C SER A 461 20.61 -15.46 30.40
N CYS A 462 19.64 -14.70 30.91
CA CYS A 462 18.81 -13.82 30.12
C CYS A 462 19.28 -12.42 30.44
N THR A 463 19.23 -11.53 29.46
CA THR A 463 19.65 -10.16 29.67
C THR A 463 18.46 -9.29 30.06
N GLY A 464 17.26 -9.80 29.86
CA GLY A 464 16.07 -9.06 30.22
C GLY A 464 15.17 -9.84 31.15
N ILE A 465 13.87 -9.73 30.93
CA ILE A 465 12.88 -10.41 31.74
C ILE A 465 12.99 -11.93 31.62
N LYS A 466 12.68 -12.64 32.70
CA LYS A 466 12.69 -14.10 32.73
C LYS A 466 11.26 -14.53 33.04
N VAL A 467 10.78 -15.55 32.34
CA VAL A 467 9.43 -16.06 32.57
C VAL A 467 9.56 -17.48 33.07
N TYR A 468 8.89 -17.79 34.18
CA TYR A 468 8.98 -19.12 34.78
C TYR A 468 7.69 -19.89 34.52
N VAL A 469 7.76 -20.90 33.65
CA VAL A 469 6.58 -21.70 33.33
C VAL A 469 6.59 -23.00 34.14
N SER A 470 5.56 -23.17 34.94
CA SER A 470 5.40 -24.34 35.79
C SER A 470 5.15 -25.61 34.97
N SER A 471 5.24 -26.76 35.63
CA SER A 471 5.04 -28.05 34.97
C SER A 471 3.73 -28.16 34.20
N ASP A 472 2.70 -27.45 34.64
CA ASP A 472 1.41 -27.50 33.96
C ASP A 472 1.30 -26.52 32.80
N GLY A 473 2.42 -25.86 32.47
CA GLY A 473 2.42 -24.90 31.38
C GLY A 473 1.96 -23.50 31.72
N THR A 474 1.52 -23.28 32.96
CA THR A 474 1.06 -21.94 33.35
C THR A 474 2.24 -21.08 33.79
N ALA A 475 2.13 -19.77 33.59
CA ALA A 475 3.19 -18.85 33.98
C ALA A 475 2.60 -17.52 34.42
N GLN A 476 3.25 -16.87 35.38
CA GLN A 476 2.82 -15.58 35.88
C GLN A 476 3.38 -14.48 34.98
N PHE A 477 2.53 -13.55 34.57
CA PHE A 477 2.95 -12.43 33.73
C PHE A 477 2.57 -11.12 34.38
N SER A 478 3.50 -10.17 34.35
CA SER A 478 3.26 -8.84 34.91
C SER A 478 3.81 -7.85 33.92
N ILE A 479 2.91 -7.11 33.28
CA ILE A 479 3.34 -6.12 32.30
C ILE A 479 2.71 -4.79 32.61
N SER A 480 3.55 -3.81 32.88
CA SER A 480 3.09 -2.47 33.18
C SER A 480 2.75 -1.77 31.87
N ASN A 481 1.72 -0.93 31.91
CA ASN A 481 1.32 -0.18 30.72
C ASN A 481 2.33 0.92 30.44
N SER A 482 3.28 1.09 31.36
CA SER A 482 4.32 2.11 31.22
C SER A 482 5.62 1.51 30.71
N ALA A 483 5.61 0.21 30.42
CA ALA A 483 6.81 -0.45 29.94
C ALA A 483 7.16 0.08 28.55
N GLU A 484 8.45 0.16 28.25
CA GLU A 484 8.89 0.64 26.94
C GLU A 484 8.30 -0.23 25.85
N ASP A 485 8.32 -1.54 26.07
CA ASP A 485 7.74 -2.51 25.13
C ASP A 485 6.72 -3.30 25.95
N PRO A 486 5.44 -2.93 25.86
CA PRO A 486 4.37 -3.58 26.60
C PRO A 486 3.96 -4.98 26.12
N PHE A 487 4.94 -5.81 25.80
CA PHE A 487 4.67 -7.17 25.35
C PHE A 487 5.87 -8.08 25.61
N ILE A 488 5.58 -9.34 25.86
CA ILE A 488 6.58 -10.37 26.16
C ILE A 488 6.41 -11.56 25.22
N ALA A 489 7.53 -12.10 24.76
CA ALA A 489 7.50 -13.25 23.86
C ALA A 489 8.58 -14.24 24.25
N ILE A 490 8.21 -15.52 24.30
CA ILE A 490 9.13 -16.58 24.65
C ILE A 490 8.94 -17.72 23.67
N HIS A 491 10.00 -18.49 23.45
CA HIS A 491 9.93 -19.63 22.53
C HIS A 491 10.92 -20.70 22.89
N ALA A 492 10.78 -21.87 22.26
CA ALA A 492 11.64 -23.03 22.52
C ALA A 492 13.14 -22.74 22.58
N GLU A 493 13.60 -21.76 21.80
CA GLU A 493 15.03 -21.45 21.78
C GLU A 493 15.51 -20.38 22.75
N SER A 494 14.59 -19.81 23.53
CA SER A 494 14.98 -18.82 24.51
C SER A 494 14.93 -19.45 25.90
N LYS A 495 14.67 -20.75 25.94
CA LYS A 495 14.60 -21.50 27.18
C LYS A 495 15.99 -21.73 27.74
N LEU A 496 16.12 -21.58 29.06
CA LEU A 496 17.39 -21.77 29.76
C LEU A 496 17.63 -23.25 30.03
N ALA B 1 -43.97 7.26 -5.02
CA ALA B 1 -42.72 8.05 -5.15
C ALA B 1 -42.25 8.44 -3.77
N THR B 2 -40.95 8.71 -3.67
CA THR B 2 -40.32 9.11 -2.42
C THR B 2 -39.48 10.35 -2.65
N GLU B 3 -39.74 11.38 -1.98
CA GLU B 3 -38.87 12.56 -1.90
C GLU B 3 -38.06 12.49 -0.63
N THR B 4 -36.75 12.73 -0.71
CA THR B 4 -36.07 12.73 0.59
C THR B 4 -35.01 13.87 0.64
N SER B 5 -34.78 14.23 1.89
CA SER B 5 -33.95 15.38 2.29
C SER B 5 -33.19 15.03 3.54
N PHE B 6 -31.96 15.40 3.60
CA PHE B 6 -31.17 15.19 4.80
C PHE B 6 -30.09 16.25 4.93
N ILE B 7 -29.76 16.59 6.17
CA ILE B 7 -28.74 17.58 6.46
C ILE B 7 -27.79 16.95 7.47
N ILE B 8 -26.52 16.86 7.08
CA ILE B 8 -25.48 16.29 7.94
C ILE B 8 -24.46 17.38 8.21
N ASP B 9 -24.40 17.85 9.46
CA ASP B 9 -23.44 18.88 9.84
C ASP B 9 -22.14 18.29 10.35
N ALA B 10 -22.18 16.99 10.62
CA ALA B 10 -21.05 16.22 11.11
C ALA B 10 -21.44 14.77 10.86
N PHE B 11 -20.53 14.03 10.24
CA PHE B 11 -20.77 12.65 9.87
C PHE B 11 -20.72 11.60 10.97
N ASN B 12 -21.32 10.46 10.68
CA ASN B 12 -21.37 9.31 11.56
C ASN B 12 -21.46 8.09 10.67
N LYS B 13 -20.71 7.04 10.99
CA LYS B 13 -20.72 5.83 10.18
C LYS B 13 -22.08 5.16 10.09
N THR B 14 -22.87 5.31 11.14
CA THR B 14 -24.18 4.67 11.23
C THR B 14 -25.11 4.73 10.01
N ASN B 15 -25.30 5.91 9.42
CA ASN B 15 -26.19 6.03 8.27
C ASN B 15 -25.46 6.10 6.94
N LEU B 16 -24.25 5.55 6.89
CA LEU B 16 -23.42 5.57 5.69
C LEU B 16 -23.00 4.17 5.24
N ILE B 17 -22.69 4.04 3.95
CA ILE B 17 -22.18 2.80 3.39
C ILE B 17 -20.76 3.19 2.98
N LEU B 18 -19.77 2.63 3.66
CA LEU B 18 -18.38 2.95 3.39
C LEU B 18 -17.69 1.79 2.69
N GLN B 19 -16.98 2.10 1.61
CA GLN B 19 -16.28 1.09 0.85
C GLN B 19 -14.85 1.53 0.65
N GLY B 20 -13.92 0.61 0.90
CA GLY B 20 -12.52 0.92 0.75
C GLY B 20 -12.00 1.79 1.89
N ASP B 21 -11.07 2.66 1.56
CA ASP B 21 -10.44 3.54 2.53
C ASP B 21 -11.30 4.78 2.82
N ALA B 22 -12.44 4.56 3.45
CA ALA B 22 -13.36 5.63 3.82
C ALA B 22 -13.69 5.43 5.29
N THR B 23 -13.48 6.46 6.11
CA THR B 23 -13.77 6.36 7.53
C THR B 23 -14.35 7.69 8.01
N VAL B 24 -14.88 7.70 9.23
CA VAL B 24 -15.42 8.92 9.81
C VAL B 24 -14.51 9.16 11.01
N SER B 25 -13.88 10.32 11.07
CA SER B 25 -12.99 10.62 12.18
C SER B 25 -13.76 11.01 13.45
N SER B 26 -13.05 11.01 14.58
CA SER B 26 -13.65 11.35 15.87
C SER B 26 -14.38 12.69 15.87
N ASN B 27 -13.91 13.64 15.07
CA ASN B 27 -14.56 14.94 15.01
C ASN B 27 -15.66 15.06 13.94
N GLY B 28 -16.10 13.93 13.39
CA GLY B 28 -17.18 13.94 12.41
C GLY B 28 -16.88 14.25 10.96
N ASN B 29 -15.62 14.19 10.56
CA ASN B 29 -15.25 14.43 9.17
C ASN B 29 -15.20 13.11 8.43
N LEU B 30 -15.73 13.09 7.21
CA LEU B 30 -15.68 11.90 6.38
C LEU B 30 -14.31 11.99 5.73
N GLN B 31 -13.47 10.99 5.97
CA GLN B 31 -12.11 10.99 5.43
C GLN B 31 -11.89 9.86 4.45
N LEU B 32 -11.34 10.20 3.28
CA LEU B 32 -11.08 9.22 2.25
C LEU B 32 -9.64 9.31 1.74
N SER B 33 -9.04 8.15 1.50
CA SER B 33 -7.69 8.02 0.95
C SER B 33 -6.53 8.27 1.93
N TYR B 34 -6.82 8.43 3.21
CA TYR B 34 -5.77 8.69 4.19
C TYR B 34 -4.72 7.60 4.38
N ASN B 35 -5.13 6.35 4.26
CA ASN B 35 -4.26 5.21 4.50
C ASN B 35 -3.82 4.43 3.28
N SER B 36 -4.24 4.85 2.10
CA SER B 36 -3.91 4.08 0.90
C SER B 36 -3.48 4.88 -0.32
N TYR B 37 -3.19 4.18 -1.40
CA TYR B 37 -2.78 4.81 -2.64
C TYR B 37 -3.25 3.94 -3.79
N ASP B 38 -3.28 4.52 -4.98
CA ASP B 38 -3.66 3.81 -6.20
C ASP B 38 -4.91 2.93 -6.03
N SER B 39 -5.97 3.53 -5.51
CA SER B 39 -7.21 2.82 -5.27
C SER B 39 -8.35 3.82 -5.10
N MET B 40 -9.57 3.30 -5.10
CA MET B 40 -10.76 4.13 -4.98
C MET B 40 -11.50 3.75 -3.71
N SER B 41 -12.05 4.77 -3.04
CA SER B 41 -12.81 4.61 -1.81
C SER B 41 -14.14 5.30 -2.02
N ARG B 42 -15.20 4.78 -1.43
CA ARG B 42 -16.51 5.38 -1.61
C ARG B 42 -17.32 5.46 -0.32
N ALA B 43 -18.24 6.42 -0.29
CA ALA B 43 -19.12 6.62 0.86
C ALA B 43 -20.48 7.06 0.32
N PHE B 44 -21.52 6.28 0.61
CA PHE B 44 -22.87 6.59 0.15
C PHE B 44 -23.83 6.74 1.31
N TYR B 45 -24.89 7.49 1.10
CA TYR B 45 -25.92 7.63 2.12
C TYR B 45 -26.59 6.25 2.10
N SER B 46 -26.97 5.72 3.26
CA SER B 46 -27.55 4.39 3.33
C SER B 46 -28.85 4.14 2.57
N ALA B 47 -29.69 5.15 2.40
CA ALA B 47 -30.95 4.95 1.68
C ALA B 47 -30.85 5.36 0.22
N PRO B 48 -31.40 4.53 -0.69
CA PRO B 48 -31.37 4.83 -2.13
C PRO B 48 -32.30 6.01 -2.39
N ILE B 49 -31.96 6.84 -3.37
CA ILE B 49 -32.80 7.98 -3.71
C ILE B 49 -33.49 7.72 -5.03
N GLN B 50 -34.76 8.09 -5.13
CA GLN B 50 -35.52 7.89 -6.35
C GLN B 50 -35.35 9.14 -7.23
N ILE B 51 -34.75 8.96 -8.40
CA ILE B 51 -34.53 10.08 -9.33
C ILE B 51 -35.63 10.10 -10.39
N ARG B 52 -36.20 8.93 -10.67
CA ARG B 52 -37.24 8.83 -11.66
C ARG B 52 -38.34 7.88 -11.20
N ASP B 53 -39.58 8.37 -11.26
CA ASP B 53 -40.73 7.57 -10.88
C ASP B 53 -41.24 6.86 -12.12
N SER B 54 -41.03 5.55 -12.19
CA SER B 54 -41.45 4.76 -13.34
C SER B 54 -42.96 4.82 -13.60
N THR B 55 -43.72 4.98 -12.52
CA THR B 55 -45.18 5.05 -12.61
C THR B 55 -45.69 6.24 -13.42
N THR B 56 -44.93 7.33 -13.43
CA THR B 56 -45.34 8.52 -14.15
C THR B 56 -44.32 9.03 -15.16
N GLY B 57 -43.13 8.45 -15.15
CA GLY B 57 -42.08 8.90 -16.05
C GLY B 57 -41.47 10.21 -15.59
N ASN B 58 -41.98 10.72 -14.46
CA ASN B 58 -41.52 11.97 -13.88
C ASN B 58 -40.12 11.84 -13.30
N VAL B 59 -39.26 12.80 -13.60
CA VAL B 59 -37.90 12.81 -13.09
C VAL B 59 -37.77 13.93 -12.07
N ALA B 60 -37.10 13.63 -10.96
CA ALA B 60 -36.94 14.58 -9.86
C ALA B 60 -35.84 15.60 -10.03
N SER B 61 -36.03 16.74 -9.37
CA SER B 61 -35.04 17.79 -9.35
C SER B 61 -34.31 17.56 -8.02
N PHE B 62 -33.01 17.79 -7.98
CA PHE B 62 -32.28 17.62 -6.75
C PHE B 62 -31.28 18.76 -6.55
N ASP B 63 -30.94 19.01 -5.29
CA ASP B 63 -30.02 20.07 -4.94
C ASP B 63 -29.16 19.50 -3.81
N THR B 64 -27.87 19.77 -3.84
CA THR B 64 -26.99 19.27 -2.81
C THR B 64 -25.80 20.19 -2.58
N ASN B 65 -25.46 20.40 -1.31
CA ASN B 65 -24.33 21.23 -0.93
C ASN B 65 -23.42 20.41 -0.06
N PHE B 66 -22.12 20.60 -0.22
CA PHE B 66 -21.15 19.93 0.63
C PHE B 66 -19.88 20.74 0.67
N THR B 67 -19.16 20.66 1.78
CA THR B 67 -17.92 21.38 1.93
C THR B 67 -16.82 20.31 2.00
N MET B 68 -15.81 20.47 1.16
CA MET B 68 -14.72 19.51 1.11
C MET B 68 -13.38 20.19 1.33
N ASN B 69 -12.36 19.41 1.63
CA ASN B 69 -11.02 19.93 1.80
C ASN B 69 -10.07 18.91 1.21
N ILE B 70 -9.54 19.22 0.04
CA ILE B 70 -8.61 18.34 -0.64
C ILE B 70 -7.18 18.81 -0.38
N ARG B 71 -6.32 17.90 0.04
CA ARG B 71 -4.92 18.21 0.30
C ARG B 71 -4.11 17.36 -0.67
N THR B 72 -3.56 18.00 -1.69
CA THR B 72 -2.78 17.30 -2.72
C THR B 72 -1.48 16.66 -2.25
N HIS B 73 -0.79 17.32 -1.31
CA HIS B 73 0.49 16.82 -0.80
C HIS B 73 1.52 16.82 -1.92
N ARG B 74 1.42 17.80 -2.80
CA ARG B 74 2.33 17.93 -3.94
C ARG B 74 2.73 19.39 -4.07
N SER B 78 -12.23 10.22 -11.47
CA SER B 78 -11.01 11.05 -11.62
C SER B 78 -9.78 10.16 -11.52
N ALA B 79 -8.69 10.60 -12.13
CA ALA B 79 -7.42 9.89 -12.07
C ALA B 79 -6.96 10.00 -10.62
N VAL B 80 -7.10 11.20 -10.09
CA VAL B 80 -6.76 11.54 -8.70
C VAL B 80 -7.75 12.65 -8.38
N GLY B 81 -8.54 12.49 -7.32
CA GLY B 81 -9.48 13.53 -6.97
C GLY B 81 -10.70 13.04 -6.22
N LEU B 82 -11.67 13.93 -6.06
CA LEU B 82 -12.92 13.62 -5.36
C LEU B 82 -14.07 13.79 -6.33
N ASP B 83 -14.93 12.79 -6.40
CA ASP B 83 -16.08 12.81 -7.29
C ASP B 83 -17.39 12.64 -6.54
N PHE B 84 -18.42 13.31 -7.02
CA PHE B 84 -19.75 13.15 -6.43
C PHE B 84 -20.43 12.22 -7.42
N VAL B 85 -21.08 11.18 -6.93
CA VAL B 85 -21.68 10.22 -7.83
C VAL B 85 -23.12 9.82 -7.54
N LEU B 86 -23.83 9.44 -8.60
CA LEU B 86 -25.20 8.94 -8.52
C LEU B 86 -25.04 7.57 -9.19
N VAL B 87 -25.03 6.52 -8.38
CA VAL B 87 -24.85 5.16 -8.88
C VAL B 87 -26.16 4.37 -8.89
N PRO B 88 -26.58 3.87 -10.07
CA PRO B 88 -27.82 3.10 -10.17
C PRO B 88 -27.77 1.89 -9.24
N VAL B 89 -28.88 1.62 -8.54
CA VAL B 89 -28.91 0.49 -7.61
C VAL B 89 -28.82 -0.82 -8.38
N ASP B 96 -23.82 3.26 -15.93
CA ASP B 96 -24.78 4.31 -16.20
C ASP B 96 -24.81 5.57 -15.16
N THR B 97 -23.67 5.50 -14.49
CA THR B 97 -23.36 6.40 -13.39
C THR B 97 -23.15 7.84 -13.87
N VAL B 98 -23.71 8.80 -13.14
CA VAL B 98 -23.51 10.21 -13.47
C VAL B 98 -22.56 10.71 -12.37
N THR B 99 -21.43 11.26 -12.81
CA THR B 99 -20.39 11.73 -11.91
C THR B 99 -19.99 13.17 -12.15
N VAL B 100 -19.63 13.85 -11.06
CA VAL B 100 -19.13 15.21 -11.12
C VAL B 100 -17.71 15.01 -10.61
N GLU B 101 -16.74 15.18 -11.49
CA GLU B 101 -15.34 14.96 -11.15
C GLU B 101 -14.52 16.18 -10.84
N PHE B 102 -13.84 16.16 -9.69
CA PHE B 102 -12.94 17.24 -9.30
C PHE B 102 -11.58 16.56 -9.42
N ASP B 103 -11.11 16.46 -10.66
CA ASP B 103 -9.84 15.80 -10.98
C ASP B 103 -8.64 16.72 -10.77
N THR B 104 -7.82 16.39 -9.78
CA THR B 104 -6.64 17.19 -9.47
C THR B 104 -5.45 16.83 -10.33
N PHE B 105 -5.49 15.65 -10.95
CA PHE B 105 -4.40 15.22 -11.81
C PHE B 105 -4.55 15.88 -13.17
N LEU B 106 -5.75 15.84 -13.72
CA LEU B 106 -6.04 16.44 -15.03
C LEU B 106 -6.35 17.93 -14.90
N SER B 107 -6.52 18.41 -13.68
CA SER B 107 -6.84 19.81 -13.40
C SER B 107 -8.10 20.23 -14.13
N ARG B 108 -9.13 19.39 -14.03
CA ARG B 108 -10.39 19.72 -14.69
C ARG B 108 -11.58 19.25 -13.84
N ILE B 109 -12.70 19.94 -14.04
CA ILE B 109 -13.94 19.62 -13.36
C ILE B 109 -14.83 19.16 -14.50
N SER B 110 -15.35 17.94 -14.41
CA SER B 110 -16.18 17.38 -15.47
C SER B 110 -17.55 16.88 -15.00
N ILE B 111 -18.51 16.94 -15.91
CA ILE B 111 -19.85 16.40 -15.68
C ILE B 111 -19.76 15.21 -16.60
N ASP B 112 -19.64 14.04 -15.99
CA ASP B 112 -19.47 12.80 -16.71
C ASP B 112 -20.69 11.90 -16.57
N VAL B 113 -21.05 11.24 -17.66
CA VAL B 113 -22.18 10.32 -17.67
C VAL B 113 -21.70 9.11 -18.46
N ASN B 114 -21.73 7.95 -17.82
CA ASN B 114 -21.29 6.70 -18.46
C ASN B 114 -19.86 6.81 -18.96
N ASN B 115 -19.00 7.44 -18.17
CA ASN B 115 -17.59 7.64 -18.51
C ASN B 115 -17.33 8.67 -19.61
N ASN B 116 -18.39 9.26 -20.13
CA ASN B 116 -18.28 10.28 -21.18
C ASN B 116 -18.42 11.66 -20.57
N ASP B 117 -17.38 12.48 -20.70
CA ASP B 117 -17.43 13.83 -20.17
C ASP B 117 -18.32 14.71 -21.02
N ILE B 118 -19.52 14.97 -20.52
CA ILE B 118 -20.49 15.79 -21.22
C ILE B 118 -20.05 17.26 -21.27
N LYS B 119 -19.28 17.67 -20.28
CA LYS B 119 -18.81 19.05 -20.22
C LYS B 119 -17.73 19.14 -19.14
N SER B 120 -16.70 19.94 -19.39
CA SER B 120 -15.64 20.10 -18.42
C SER B 120 -14.96 21.45 -18.57
N VAL B 121 -14.49 21.98 -17.45
CA VAL B 121 -13.79 23.26 -17.44
C VAL B 121 -12.52 23.03 -16.64
N PRO B 122 -11.47 23.81 -16.94
CA PRO B 122 -10.24 23.60 -16.17
C PRO B 122 -10.37 24.31 -14.83
N TRP B 123 -9.56 23.91 -13.86
CA TRP B 123 -9.58 24.56 -12.56
C TRP B 123 -8.18 24.52 -11.98
N ASP B 124 -7.86 25.55 -11.21
CA ASP B 124 -6.56 25.63 -10.58
C ASP B 124 -6.67 25.08 -9.17
N VAL B 125 -6.25 23.83 -9.00
CA VAL B 125 -6.31 23.17 -7.71
C VAL B 125 -5.57 23.99 -6.64
N HIS B 126 -4.60 24.79 -7.07
CA HIS B 126 -3.83 25.61 -6.15
C HIS B 126 -4.70 26.64 -5.41
N ASP B 127 -5.82 27.01 -6.00
CA ASP B 127 -6.72 27.97 -5.37
C ASP B 127 -7.59 27.36 -4.27
N TYR B 128 -7.61 26.03 -4.18
CA TYR B 128 -8.43 25.36 -3.17
C TYR B 128 -7.67 24.34 -2.33
N ASP B 129 -6.43 24.07 -2.70
CA ASP B 129 -5.60 23.09 -1.99
C ASP B 129 -5.47 23.36 -0.50
N GLY B 130 -5.87 22.39 0.30
CA GLY B 130 -5.79 22.50 1.75
C GLY B 130 -6.78 23.45 2.39
N GLN B 131 -7.78 23.90 1.63
CA GLN B 131 -8.75 24.84 2.13
C GLN B 131 -10.19 24.39 1.95
N ASN B 132 -11.06 24.90 2.85
CA ASN B 132 -12.44 24.45 2.76
C ASN B 132 -13.12 25.07 1.50
N ALA B 133 -13.66 24.17 0.70
CA ALA B 133 -14.27 24.55 -0.56
C ALA B 133 -15.74 24.15 -0.47
N GLU B 134 -16.62 25.06 -0.86
CA GLU B 134 -18.06 24.80 -0.83
C GLU B 134 -18.51 24.41 -2.23
N VAL B 135 -19.22 23.28 -2.33
CA VAL B 135 -19.70 22.78 -3.60
C VAL B 135 -21.21 22.67 -3.63
N ARG B 136 -21.81 23.10 -4.73
CA ARG B 136 -23.26 22.99 -4.90
C ARG B 136 -23.52 22.37 -6.25
N ILE B 137 -24.33 21.31 -6.26
CA ILE B 137 -24.69 20.62 -7.48
C ILE B 137 -26.21 20.63 -7.52
N THR B 138 -26.77 21.09 -8.63
CA THR B 138 -28.20 21.19 -8.75
C THR B 138 -28.68 20.67 -10.10
N TYR B 139 -29.84 20.04 -10.11
CA TYR B 139 -30.42 19.54 -11.33
C TYR B 139 -31.90 19.91 -11.38
N ASN B 140 -32.27 20.65 -12.41
CA ASN B 140 -33.65 21.07 -12.60
C ASN B 140 -34.21 20.16 -13.68
N SER B 141 -35.11 19.26 -13.32
CA SER B 141 -35.68 18.32 -14.27
C SER B 141 -36.53 18.97 -15.36
N SER B 142 -36.98 20.21 -15.13
CA SER B 142 -37.80 20.91 -16.12
C SER B 142 -36.91 21.35 -17.29
N THR B 143 -35.92 22.19 -16.98
CA THR B 143 -34.99 22.69 -17.98
C THR B 143 -33.89 21.68 -18.30
N LYS B 144 -33.83 20.62 -17.50
CA LYS B 144 -32.84 19.54 -17.66
C LYS B 144 -31.41 20.05 -17.53
N VAL B 145 -31.25 21.18 -16.84
CA VAL B 145 -29.94 21.78 -16.62
C VAL B 145 -29.28 21.25 -15.33
N PHE B 146 -28.07 20.75 -15.49
CA PHE B 146 -27.26 20.22 -14.40
C PHE B 146 -26.16 21.24 -14.19
N SER B 147 -26.06 21.82 -12.99
CA SER B 147 -25.01 22.81 -12.73
C SER B 147 -24.14 22.47 -11.52
N VAL B 148 -22.89 22.93 -11.59
CA VAL B 148 -21.91 22.70 -10.54
C VAL B 148 -21.26 24.03 -10.18
N SER B 149 -21.22 24.34 -8.88
CA SER B 149 -20.63 25.57 -8.38
C SER B 149 -19.59 25.21 -7.35
N LEU B 150 -18.39 25.75 -7.50
CA LEU B 150 -17.31 25.48 -6.56
C LEU B 150 -16.82 26.86 -6.14
N SER B 151 -16.59 27.06 -4.85
CA SER B 151 -16.09 28.35 -4.39
C SER B 151 -15.26 28.25 -3.12
N ASN B 152 -14.26 29.10 -3.02
CA ASN B 152 -13.41 29.14 -1.85
C ASN B 152 -13.96 30.35 -1.11
N PRO B 153 -14.80 30.12 -0.08
CA PRO B 153 -15.41 31.19 0.71
C PRO B 153 -14.42 32.18 1.33
N SER B 154 -13.19 31.74 1.56
CA SER B 154 -12.15 32.57 2.16
C SER B 154 -11.51 33.55 1.17
N THR B 155 -11.21 33.07 -0.03
CA THR B 155 -10.56 33.89 -1.05
C THR B 155 -11.52 34.49 -2.10
N GLY B 156 -12.73 33.95 -2.17
CA GLY B 156 -13.69 34.45 -3.13
C GLY B 156 -13.58 33.86 -4.52
N LYS B 157 -12.67 32.90 -4.70
CA LYS B 157 -12.49 32.27 -6.01
C LYS B 157 -13.67 31.34 -6.27
N SER B 158 -14.02 31.17 -7.55
CA SER B 158 -15.13 30.31 -7.93
C SER B 158 -14.88 29.65 -9.27
N ASN B 159 -15.56 28.52 -9.47
CA ASN B 159 -15.48 27.76 -10.71
C ASN B 159 -16.88 27.22 -10.89
N ASN B 160 -17.42 27.35 -12.09
CA ASN B 160 -18.78 26.88 -12.37
C ASN B 160 -18.82 26.17 -13.72
N VAL B 161 -19.72 25.21 -13.83
CA VAL B 161 -19.90 24.45 -15.06
C VAL B 161 -21.31 23.89 -15.09
N SER B 162 -22.00 24.11 -16.20
CA SER B 162 -23.36 23.63 -16.35
C SER B 162 -23.55 23.05 -17.74
N THR B 163 -24.51 22.16 -17.86
CA THR B 163 -24.81 21.52 -19.13
C THR B 163 -26.19 20.88 -18.97
N THR B 164 -26.67 20.25 -20.03
CA THR B 164 -27.97 19.61 -19.98
C THR B 164 -27.75 18.10 -20.00
N VAL B 165 -28.32 17.41 -19.02
CA VAL B 165 -28.18 15.97 -18.94
C VAL B 165 -29.58 15.39 -18.95
N GLU B 166 -29.70 14.23 -19.59
CA GLU B 166 -30.99 13.55 -19.70
C GLU B 166 -31.00 12.38 -18.74
N LEU B 167 -31.77 12.50 -17.66
CA LEU B 167 -31.85 11.43 -16.69
C LEU B 167 -33.18 10.68 -16.83
N GLU B 168 -33.88 10.95 -17.93
CA GLU B 168 -35.17 10.31 -18.18
C GLU B 168 -35.03 8.90 -18.74
N LYS B 169 -34.38 8.03 -17.97
CA LYS B 169 -34.15 6.64 -18.37
C LYS B 169 -34.39 5.73 -17.17
N GLU B 170 -34.87 4.52 -17.44
CA GLU B 170 -35.19 3.54 -16.41
C GLU B 170 -34.03 3.29 -15.44
N VAL B 171 -32.80 3.26 -15.95
CA VAL B 171 -31.61 3.01 -15.13
C VAL B 171 -31.47 4.01 -13.98
N TYR B 172 -31.99 5.22 -14.17
CA TYR B 172 -31.89 6.27 -13.16
C TYR B 172 -33.05 6.29 -12.18
N ASP B 173 -33.90 5.26 -12.20
CA ASP B 173 -35.02 5.21 -11.28
C ASP B 173 -34.56 5.36 -9.84
N TRP B 174 -33.68 4.48 -9.40
CA TRP B 174 -33.16 4.52 -8.05
C TRP B 174 -31.64 4.52 -8.08
N VAL B 175 -31.02 5.37 -7.28
CA VAL B 175 -29.56 5.48 -7.24
C VAL B 175 -29.04 5.69 -5.81
N SER B 176 -27.77 5.40 -5.60
CA SER B 176 -27.13 5.62 -4.32
C SER B 176 -26.35 6.90 -4.55
N VAL B 177 -26.45 7.84 -3.63
CA VAL B 177 -25.77 9.12 -3.78
C VAL B 177 -24.60 9.18 -2.82
N GLY B 178 -23.46 9.70 -3.28
CA GLY B 178 -22.32 9.79 -2.41
C GLY B 178 -21.04 10.32 -3.03
N PHE B 179 -19.93 9.93 -2.42
CA PHE B 179 -18.62 10.38 -2.83
C PHE B 179 -17.70 9.23 -3.22
N SER B 180 -16.81 9.50 -4.15
CA SER B 180 -15.86 8.51 -4.61
C SER B 180 -14.54 9.27 -4.70
N ALA B 181 -13.52 8.78 -4.03
CA ALA B 181 -12.23 9.44 -4.05
C ALA B 181 -11.19 8.49 -4.56
N THR B 182 -10.31 9.00 -5.42
CA THR B 182 -9.26 8.18 -6.00
C THR B 182 -7.88 8.75 -5.65
N SER B 183 -6.97 7.85 -5.29
CA SER B 183 -5.62 8.24 -4.94
C SER B 183 -4.75 7.64 -6.04
N GLY B 184 -3.73 8.36 -6.48
CA GLY B 184 -2.87 7.86 -7.54
C GLY B 184 -1.70 7.03 -7.07
N ALA B 185 -0.74 6.81 -7.95
CA ALA B 185 0.43 6.03 -7.60
C ALA B 185 1.70 6.88 -7.57
N TYR B 186 2.76 6.32 -7.00
CA TYR B 186 4.07 6.96 -6.89
C TYR B 186 3.98 8.35 -6.25
N GLN B 187 4.40 9.40 -6.95
CA GLN B 187 4.35 10.74 -6.37
C GLN B 187 2.94 11.28 -6.17
N TRP B 188 1.95 10.62 -6.78
CA TRP B 188 0.56 11.02 -6.66
C TRP B 188 -0.18 10.17 -5.62
N SER B 189 0.57 9.47 -4.76
CA SER B 189 0.01 8.59 -3.74
C SER B 189 -0.51 9.26 -2.48
N TYR B 190 -0.21 10.54 -2.29
CA TYR B 190 -0.55 11.20 -1.03
C TYR B 190 -1.70 12.17 -0.85
N GLU B 191 -2.58 12.29 -1.83
CA GLU B 191 -3.71 13.21 -1.69
C GLU B 191 -4.77 12.67 -0.73
N THR B 192 -5.25 13.52 0.17
CA THR B 192 -6.29 13.13 1.13
C THR B 192 -7.54 13.94 0.85
N HIS B 193 -8.70 13.40 1.20
CA HIS B 193 -9.96 14.08 0.94
C HIS B 193 -10.85 14.06 2.18
N ASP B 194 -11.39 15.22 2.53
CA ASP B 194 -12.26 15.37 3.69
C ASP B 194 -13.56 16.02 3.23
N VAL B 195 -14.67 15.57 3.78
CA VAL B 195 -15.98 16.16 3.51
C VAL B 195 -16.46 16.48 4.93
N LEU B 196 -16.73 17.75 5.19
CA LEU B 196 -17.13 18.20 6.51
C LEU B 196 -18.62 18.23 6.78
N SER B 197 -19.42 18.53 5.75
CA SER B 197 -20.86 18.59 5.88
C SER B 197 -21.48 18.28 4.54
N TRP B 198 -22.77 17.97 4.52
CA TRP B 198 -23.45 17.60 3.29
C TRP B 198 -24.97 17.67 3.48
N SER B 199 -25.65 18.36 2.57
CA SER B 199 -27.10 18.45 2.61
C SER B 199 -27.61 18.06 1.24
N PHE B 200 -28.69 17.30 1.19
CA PHE B 200 -29.23 16.84 -0.09
C PHE B 200 -30.74 16.90 -0.03
N SER B 201 -31.36 17.19 -1.17
CA SER B 201 -32.80 17.29 -1.25
C SER B 201 -33.27 16.97 -2.66
N SER B 202 -34.22 16.06 -2.78
CA SER B 202 -34.80 15.68 -4.08
C SER B 202 -36.28 16.00 -4.00
N LYS B 203 -36.87 16.38 -5.14
CA LYS B 203 -38.28 16.73 -5.15
C LYS B 203 -38.88 16.53 -6.53
N PHE B 204 -40.10 15.99 -6.56
CA PHE B 204 -40.81 15.78 -7.81
C PHE B 204 -41.76 16.95 -8.02
C1 NAG C . -21.84 8.22 15.86
C2 NAG C . -20.64 8.72 16.71
C3 NAG C . -20.21 7.75 17.80
C4 NAG C . -21.42 7.18 18.54
C5 NAG C . -22.53 6.76 17.55
C6 NAG C . -23.74 6.26 18.32
C7 NAG C . -19.33 10.41 15.54
C8 NAG C . -18.13 10.70 14.68
N2 NAG C . -19.52 9.14 15.88
O3 NAG C . -19.35 8.41 18.73
O4 NAG C . -21.01 6.04 19.31
O5 NAG C . -22.92 7.88 16.74
O6 NAG C . -24.29 7.34 19.06
O7 NAG C . -20.10 11.31 15.87
HN2 NAG C . -18.88 8.47 15.58
HO3 NAG C . -19.99 9.33 19.20
HO6 NAG C . -24.61 8.19 18.27
C1 NAG C . -21.16 6.36 20.69
C2 NAG C . -20.84 5.10 21.54
C3 NAG C . -21.17 5.26 23.02
C4 NAG C . -20.71 6.61 23.53
C5 NAG C . -21.14 7.74 22.57
C6 NAG C . -20.68 9.08 23.10
C7 NAG C . -20.51 3.05 20.55
C8 NAG C . -20.97 1.65 20.25
N2 NAG C . -21.46 3.90 20.96
O3 NAG C . -20.52 4.22 23.78
O4 NAG C . -21.26 6.85 24.84
O5 NAG C . -20.54 7.51 21.28
O6 NAG C . -19.27 9.18 23.09
O7 NAG C . -19.33 3.37 20.39
HN2 NAG C . -22.42 3.74 20.90
HO3 NAG C . -19.34 4.33 23.59
HO4 NAG C . -20.86 5.96 25.55
HO6 NAG C . -18.85 8.29 23.80
C1 NAG D . -27.55 24.64 -0.65
C2 NAG D . -29.04 24.53 -0.24
C3 NAG D . -29.93 25.67 -0.76
C4 NAG D . -29.25 27.03 -0.70
C5 NAG D . -27.79 26.89 -1.19
C6 NAG D . -27.08 28.25 -1.20
C7 NAG D . -29.55 22.20 0.26
C8 NAG D . -30.16 20.91 -0.22
N2 NAG D . -29.60 23.23 -0.58
O3 NAG D . -31.15 25.72 -0.01
O4 NAG D . -29.96 27.95 -1.53
O5 NAG D . -27.08 25.97 -0.35
O6 NAG D . -27.08 28.82 0.09
O7 NAG D . -29.07 22.28 1.38
HN2 NAG D . -29.99 23.10 -1.46
HO3 NAG D . -30.84 25.92 1.14
HO6 NAG D . -26.51 28.06 0.82
C1 NAG D . -30.38 29.02 -0.68
C2 NAG D . -31.04 30.13 -1.53
C3 NAG D . -31.28 31.44 -0.76
C4 NAG D . -31.76 31.17 0.69
C5 NAG D . -31.01 29.98 1.33
C6 NAG D . -31.57 29.68 2.73
C7 NAG D . -29.10 30.92 -2.81
C8 NAG D . -28.47 31.06 -4.16
N2 NAG D . -30.31 30.36 -2.78
O3 NAG D . -32.27 32.23 -1.45
O4 NAG D . -31.59 32.35 1.48
O5 NAG D . -31.15 28.81 0.51
O6 NAG D . -32.90 29.19 2.65
O7 NAG D . -28.51 31.32 -1.80
HN2 NAG D . -30.71 30.08 -3.62
HO3 NAG D . -33.27 31.57 -1.50
HO4 NAG D . -32.25 33.22 0.98
HO6 NAG D . -33.27 28.99 3.79
CA CA E . -0.38 -0.87 -17.96
CL CL F . 4.84 -3.40 -1.49
C1 NAG G . -36.65 24.60 -12.63
C2 NAG G . -37.15 25.41 -11.39
C3 NAG G . -38.32 26.38 -11.57
C4 NAG G . -38.27 27.04 -12.93
C5 NAG G . -38.08 25.89 -13.94
C6 NAG G . -38.32 26.37 -15.38
C7 NAG G . -36.40 24.16 -9.42
C8 NAG G . -36.79 23.25 -8.29
N2 NAG G . -37.38 24.53 -10.25
O3 NAG G . -38.29 27.37 -10.53
O4 NAG G . -39.52 27.71 -13.17
O5 NAG G . -36.74 25.40 -13.82
O6 NAG G . -37.37 27.35 -15.77
O7 NAG G . -35.24 24.56 -9.54
HN2 NAG G . -38.28 24.18 -10.10
HO3 NAG G . -39.23 28.10 -10.72
HO4 NAG G . -40.39 26.88 -13.14
HO6 NAG G . -36.29 26.82 -15.69
CA CA H . -14.36 11.29 -17.18
CA CA I . -2.19 7.71 0.11
#